data_9L6Q
#
_entry.id   9L6Q
#
_cell.length_a   1.00
_cell.length_b   1.00
_cell.length_c   1.00
_cell.angle_alpha   90.00
_cell.angle_beta   90.00
_cell.angle_gamma   90.00
#
_symmetry.space_group_name_H-M   'P 1'
#
loop_
_entity.id
_entity.type
_entity.pdbx_description
1 polymer 'Vitamin K-dependent gamma-carboxylase'
2 polymer 'Coagulation factor IX'
3 branched 2-acetamido-2-deoxy-beta-D-glucopyranose-(1-4)-2-acetamido-2-deoxy-beta-D-glucopyranose
4 branched beta-D-mannopyranose-(1-4)-2-acetamido-2-deoxy-beta-D-glucopyranose-(1-4)-2-acetamido-2-deoxy-beta-D-glucopyranose
5 non-polymer '(4S,7R)-4-HYDROXY-N,N,N-TRIMETHYL-9-OXO-7-[(PALMITOYLOXY)METHYL]-3,5,8-TRIOXA-4-PHOSPHAHEXACOSAN-1-AMINIUM 4-OXIDE'
6 non-polymer CHOLESTEROL
7 non-polymer Menaquinone-4
#
loop_
_entity_poly.entity_id
_entity_poly.type
_entity_poly.pdbx_seq_one_letter_code
_entity_poly.pdbx_strand_id
1 'polypeptide(L)'
;MAVSAGSARTSPSSDKVQKDKAELISGPRQDSRIGKLLGFEWTDLSSWRRLVTLLNRPTDPASLAVFRFLFGFLMVLDIP
QERGLSSLDRKYLDGLDVCRFPLLDALRPLPLDWMYLVYTIMFLGALGMMLGLCYRISCVLFLLPYWYVFLLDKTSWNNH
SYLYGLLAFQLTFMDANHYWSVDGLLNAHRRNAHVPLWNYAVLRGQIFIVYFIAGVKKLDADWVEGYSMEYLSRHWLFSP
FKLLLSEELTSLLVVHWGGLLLDLSAGFLLFFDVSRSIGLFFVSYFHCMNSQLFSIGMFSYVMLASSPLFCSPEWPRKLV
SYCPRRLQQLLPLKAAPQPSVSCVYKRSRGKSGQKPGLRHQLGAAFTLLYLLEQLFLPYSHFLTQGYNNWTNGLYGYSWD
MMVHSRSHQHVKITYRDGRTGELGYLNPGVFTQSRRWKDHADMLKQYATCLSRLLPKYNVTEPQIYFDIWVSINDRFQQR
IFDPRVDIVQAAWSPFQRTSWVQPLLMDLSPWRAKLQEIKSSLDNHTEVVFIADFPGLHLENFVSEDLGNTSIQLLQGEV
TVELVAEQKNQTLREGEKMQLPAGEYHKVYTTSPSPSCYMYVYVNTTELALEQDLAYLQELKEKVENGSETGPLPPELQP
LLEGEVKGGPEPTPLVQTFLRRQQRLQEIERRRNTPFHERFFRFLLRKLYVFRRSFLMTCISLRNLILGRPSLEQLAQEV
TYANLRPFEAVGELNPSNTDSSHSNPPESNPDPVHSEF
;
A
2 'polypeptide(L)'
;MQRVNMIMAESPGLITICLLGYLLSAECTVFLDHENANKILNRPKRYNSGKLEEFVQGNLERECMEEKCSFEEAREVFEN
TERTTEFWKQYVDGDQCESNPCLNGGSCKDDINSYECWCPFGFEGKNCELDVTCNIKNGRCEQFCKNSADNKVVCSCTEG
YRLAENQKSCEPAVPFPCGRVSVSQTSKLTRAETVFPDVDYVNSTEAETILDNITQSTQSFNDFTRVVGGEDAKPGQFPW
QVVLNGKVDAFCGGSIVNEKWIVTAAHCVETGVKITVVAGEHNIEETEHTEQKRNVIRIIPHHNYNAAINKYNHDIALLE
LDEPLVLNSYVTPICIADKEYTNIFLKFGSGYVSGWGRVFHKGRSALVLQYLRVPLVDRATCLRSTKFTIYNNMFCAGFH
EGGRDSCQGDSGGPHVTEVEGTSFLTGIISWGEECAMKGKYGIYTKVSRYVNWIKEKTKLT
;
C
#
# COMPACT_ATOMS: atom_id res chain seq x y z
N SER A 32 41.41 12.42 -9.97
CA SER A 32 41.11 13.27 -11.11
C SER A 32 39.80 14.02 -10.88
N ARG A 33 39.23 14.56 -11.97
CA ARG A 33 37.95 15.24 -11.88
C ARG A 33 36.82 14.29 -11.49
N ILE A 34 36.82 13.08 -12.05
CA ILE A 34 35.83 12.08 -11.65
C ILE A 34 36.05 11.66 -10.20
N GLY A 35 37.31 11.62 -9.75
CA GLY A 35 37.57 11.28 -8.36
C GLY A 35 36.94 12.26 -7.39
N LYS A 36 37.00 13.55 -7.70
CA LYS A 36 36.34 14.57 -6.91
C LYS A 36 34.83 14.63 -7.16
N LEU A 37 34.37 14.10 -8.29
CA LEU A 37 32.96 14.12 -8.62
C LEU A 37 32.23 12.83 -8.30
N LEU A 38 32.87 11.68 -8.47
CA LEU A 38 32.23 10.38 -8.24
C LEU A 38 32.69 9.70 -6.96
N GLY A 39 33.73 10.21 -6.31
CA GLY A 39 34.25 9.56 -5.12
C GLY A 39 35.17 8.40 -5.38
N PHE A 40 35.54 8.15 -6.65
CA PHE A 40 36.46 7.10 -7.00
C PHE A 40 37.07 7.42 -8.36
N GLU A 41 38.06 6.63 -8.74
CA GLU A 41 38.73 6.79 -10.02
C GLU A 41 38.36 5.65 -10.95
N TRP A 42 38.56 5.87 -12.24
CA TRP A 42 38.29 4.83 -13.23
C TRP A 42 39.25 3.65 -13.07
N THR A 43 40.48 3.92 -12.64
CA THR A 43 41.45 2.84 -12.42
C THR A 43 40.97 1.88 -11.34
N ASP A 44 40.09 2.33 -10.44
CA ASP A 44 39.53 1.46 -9.43
C ASP A 44 38.52 0.47 -9.99
N LEU A 45 38.08 0.64 -11.22
CA LEU A 45 37.23 -0.34 -11.88
C LEU A 45 37.98 -1.13 -12.95
N SER A 46 39.30 -1.12 -12.91
CA SER A 46 40.09 -1.82 -13.93
C SER A 46 39.91 -3.33 -13.84
N SER A 47 40.03 -3.89 -12.64
CA SER A 47 39.97 -5.33 -12.44
C SER A 47 39.20 -5.64 -11.17
N TRP A 48 39.13 -6.93 -10.84
CA TRP A 48 38.45 -7.35 -9.62
C TRP A 48 39.18 -6.87 -8.38
N ARG A 49 40.52 -6.92 -8.40
CA ARG A 49 41.29 -6.47 -7.25
C ARG A 49 41.02 -5.00 -6.94
N ARG A 50 41.08 -4.16 -7.97
CA ARG A 50 40.85 -2.73 -7.77
C ARG A 50 39.42 -2.45 -7.34
N LEU A 51 38.44 -3.14 -7.94
CA LEU A 51 37.05 -2.91 -7.58
C LEU A 51 36.77 -3.35 -6.14
N VAL A 52 37.34 -4.47 -5.72
CA VAL A 52 37.13 -4.93 -4.34
C VAL A 52 37.84 -4.02 -3.36
N THR A 53 39.04 -3.55 -3.71
CA THR A 53 39.73 -2.58 -2.85
C THR A 53 38.93 -1.29 -2.72
N LEU A 54 38.30 -0.85 -3.80
CA LEU A 54 37.48 0.34 -3.76
C LEU A 54 36.22 0.12 -2.93
N LEU A 55 35.51 -0.97 -3.17
CA LEU A 55 34.24 -1.20 -2.48
C LEU A 55 34.45 -1.45 -1.00
N ASN A 56 35.58 -2.03 -0.61
CA ASN A 56 35.94 -2.20 0.80
C ASN A 56 36.88 -1.11 1.28
N ARG A 57 36.76 0.09 0.73
CA ARG A 57 37.56 1.21 1.17
C ARG A 57 37.14 1.64 2.57
N PRO A 58 38.08 1.92 3.47
CA PRO A 58 37.70 2.36 4.83
C PRO A 58 36.93 3.67 4.82
N THR A 59 35.69 3.63 5.26
CA THR A 59 34.86 4.82 5.36
C THR A 59 34.43 5.04 6.81
N ASP A 60 33.95 6.24 7.08
CA ASP A 60 33.52 6.58 8.42
C ASP A 60 32.24 5.85 8.77
N PRO A 61 32.15 5.20 9.93
CA PRO A 61 30.93 4.48 10.32
C PRO A 61 29.81 5.34 10.87
N ALA A 62 29.99 6.66 10.93
CA ALA A 62 29.05 7.50 11.67
C ALA A 62 27.70 7.60 10.96
N SER A 63 27.71 7.88 9.66
CA SER A 63 26.45 8.01 8.93
C SER A 63 25.72 6.66 8.86
N LEU A 64 26.47 5.58 8.65
CA LEU A 64 25.87 4.25 8.66
C LEU A 64 25.22 3.95 10.01
N ALA A 65 25.89 4.31 11.10
CA ALA A 65 25.35 4.07 12.42
C ALA A 65 24.10 4.90 12.68
N VAL A 66 24.10 6.16 12.25
CA VAL A 66 22.93 7.01 12.47
C VAL A 66 21.74 6.49 11.67
N PHE A 67 21.97 6.08 10.43
CA PHE A 67 20.88 5.48 9.66
C PHE A 67 20.40 4.18 10.29
N ARG A 68 21.33 3.38 10.82
CA ARG A 68 20.95 2.14 11.47
C ARG A 68 20.07 2.41 12.68
N PHE A 69 20.45 3.39 13.50
CA PHE A 69 19.65 3.74 14.67
C PHE A 69 18.28 4.25 14.25
N LEU A 70 18.23 5.13 13.24
CA LEU A 70 16.95 5.68 12.82
C LEU A 70 16.05 4.60 12.23
N PHE A 71 16.62 3.70 11.43
CA PHE A 71 15.84 2.61 10.86
C PHE A 71 15.32 1.68 11.95
N GLY A 72 16.16 1.35 12.93
CA GLY A 72 15.71 0.51 14.02
C GLY A 72 14.62 1.15 14.84
N PHE A 73 14.75 2.45 15.13
CA PHE A 73 13.72 3.16 15.88
C PHE A 73 12.41 3.21 15.09
N LEU A 74 12.50 3.47 13.79
CA LEU A 74 11.29 3.55 12.97
C LEU A 74 10.62 2.19 12.83
N MET A 75 11.40 1.10 12.75
CA MET A 75 10.79 -0.22 12.74
C MET A 75 10.20 -0.59 14.09
N VAL A 76 10.84 -0.16 15.18
CA VAL A 76 10.29 -0.37 16.52
C VAL A 76 8.93 0.30 16.63
N LEU A 77 8.80 1.51 16.09
CA LEU A 77 7.50 2.17 16.08
C LEU A 77 6.54 1.58 15.07
N ASP A 78 7.05 1.03 13.97
CA ASP A 78 6.20 0.52 12.89
C ASP A 78 5.59 -0.83 13.24
N ILE A 79 6.26 -1.61 14.07
CA ILE A 79 5.77 -2.96 14.40
C ILE A 79 4.40 -2.93 15.06
N PRO A 80 4.14 -2.10 16.07
CA PRO A 80 2.79 -2.05 16.64
C PRO A 80 1.77 -1.35 15.75
N GLN A 81 2.20 -0.57 14.76
CA GLN A 81 1.29 0.27 14.00
C GLN A 81 0.96 -0.40 12.69
N GLU A 82 1.96 -0.58 11.81
CA GLU A 82 1.65 -1.08 10.44
C GLU A 82 1.77 -2.60 10.35
N ARG A 83 2.81 -3.18 10.94
CA ARG A 83 3.03 -4.61 10.79
C ARG A 83 1.83 -5.41 11.28
N GLY A 84 1.18 -4.95 12.33
CA GLY A 84 -0.01 -5.56 12.84
C GLY A 84 0.10 -6.25 14.18
N LEU A 85 1.04 -5.83 15.03
CA LEU A 85 1.12 -6.41 16.37
C LEU A 85 -0.09 -6.03 17.20
N SER A 86 -0.67 -4.85 16.96
CA SER A 86 -1.86 -4.40 17.67
C SER A 86 -3.14 -5.02 17.14
N SER A 87 -3.07 -5.75 16.01
CA SER A 87 -4.25 -6.39 15.44
C SER A 87 -4.01 -7.87 15.14
N LEU A 88 -3.04 -8.50 15.79
CA LEU A 88 -2.79 -9.93 15.54
C LEU A 88 -3.98 -10.77 15.95
N ASP A 89 -4.57 -10.47 17.12
CA ASP A 89 -5.70 -11.27 17.59
C ASP A 89 -6.91 -11.12 16.68
N ARG A 90 -7.05 -9.95 16.03
CA ARG A 90 -8.13 -9.76 15.08
C ARG A 90 -7.82 -10.36 13.72
N LYS A 91 -6.55 -10.60 13.40
CA LYS A 91 -6.12 -11.11 12.12
C LYS A 91 -5.89 -12.62 12.13
N TYR A 92 -5.05 -13.10 13.05
CA TYR A 92 -4.69 -14.52 13.11
C TYR A 92 -5.44 -15.24 14.22
N LEU A 93 -6.70 -14.88 14.45
CA LEU A 93 -7.52 -15.55 15.45
C LEU A 93 -7.66 -17.02 15.12
N ASP A 94 -7.45 -17.87 16.12
CA ASP A 94 -7.56 -19.32 15.94
C ASP A 94 -9.01 -19.71 15.76
N GLY A 95 -9.27 -20.61 14.82
CA GLY A 95 -10.62 -21.04 14.50
C GLY A 95 -11.34 -20.16 13.51
N LEU A 96 -10.72 -19.06 13.09
CA LEU A 96 -11.35 -18.16 12.13
C LEU A 96 -11.24 -18.74 10.72
N ASP A 97 -12.38 -18.79 10.03
CA ASP A 97 -12.41 -19.23 8.63
C ASP A 97 -12.13 -18.01 7.77
N VAL A 98 -10.88 -17.87 7.34
CA VAL A 98 -10.41 -16.69 6.62
C VAL A 98 -9.60 -17.11 5.42
N CYS A 99 -9.81 -16.43 4.30
CA CYS A 99 -9.01 -16.65 3.09
C CYS A 99 -7.76 -15.80 3.19
N ARG A 100 -6.62 -16.45 3.35
CA ARG A 100 -5.34 -15.77 3.41
C ARG A 100 -4.63 -15.88 2.08
N PHE A 101 -3.71 -14.94 1.83
CA PHE A 101 -3.05 -14.79 0.54
C PHE A 101 -1.54 -14.80 0.71
N PRO A 102 -0.95 -15.94 1.06
CA PRO A 102 0.52 -16.02 1.10
C PRO A 102 1.09 -16.02 -0.31
N LEU A 103 2.35 -15.58 -0.41
CA LEU A 103 3.04 -15.66 -1.70
C LEU A 103 3.18 -17.10 -2.14
N LEU A 104 3.53 -17.99 -1.21
CA LEU A 104 3.57 -19.42 -1.44
C LEU A 104 2.44 -20.05 -0.63
N ASP A 105 1.57 -20.80 -1.31
CA ASP A 105 0.42 -21.39 -0.63
C ASP A 105 0.82 -22.37 0.46
N ALA A 106 2.05 -22.88 0.43
CA ALA A 106 2.53 -23.75 1.51
C ALA A 106 2.88 -22.96 2.76
N LEU A 107 3.02 -21.64 2.66
CA LEU A 107 3.37 -20.80 3.80
C LEU A 107 2.10 -20.49 4.57
N ARG A 108 2.00 -21.01 5.80
CA ARG A 108 0.84 -20.80 6.63
C ARG A 108 1.21 -20.03 7.90
N PRO A 109 0.31 -19.22 8.43
CA PRO A 109 0.59 -18.55 9.71
C PRO A 109 0.61 -19.53 10.86
N LEU A 110 1.40 -19.20 11.86
CA LEU A 110 1.44 -19.96 13.10
C LEU A 110 0.21 -19.65 13.94
N PRO A 111 -0.06 -20.44 14.98
CA PRO A 111 -1.11 -20.06 15.93
C PRO A 111 -0.88 -18.65 16.47
N LEU A 112 -1.94 -18.07 17.02
CA LEU A 112 -1.91 -16.66 17.40
C LEU A 112 -0.80 -16.38 18.42
N ASP A 113 -0.63 -17.27 19.39
CA ASP A 113 0.42 -17.10 20.39
C ASP A 113 1.80 -17.14 19.75
N TRP A 114 1.99 -18.06 18.81
CA TRP A 114 3.28 -18.15 18.11
C TRP A 114 3.48 -16.99 17.15
N MET A 115 2.41 -16.45 16.57
CA MET A 115 2.54 -15.23 15.78
C MET A 115 2.96 -14.06 16.66
N TYR A 116 2.42 -13.97 17.88
CA TYR A 116 2.86 -12.96 18.82
C TYR A 116 4.33 -13.15 19.21
N LEU A 117 4.77 -14.40 19.37
CA LEU A 117 6.19 -14.65 19.62
C LEU A 117 7.04 -14.22 18.44
N VAL A 118 6.58 -14.48 17.21
CA VAL A 118 7.31 -14.06 16.02
C VAL A 118 7.44 -12.54 15.97
N TYR A 119 6.35 -11.84 16.28
CA TYR A 119 6.41 -10.39 16.32
C TYR A 119 7.28 -9.88 17.46
N THR A 120 7.32 -10.61 18.59
CA THR A 120 8.23 -10.26 19.67
C THR A 120 9.68 -10.38 19.22
N ILE A 121 10.00 -11.44 18.48
CA ILE A 121 11.35 -11.61 17.97
C ILE A 121 11.68 -10.51 16.97
N MET A 122 10.71 -10.14 16.12
CA MET A 122 10.90 -9.04 15.20
C MET A 122 11.17 -7.73 15.95
N PHE A 123 10.41 -7.48 17.02
CA PHE A 123 10.60 -6.27 17.81
C PHE A 123 11.96 -6.24 18.48
N LEU A 124 12.38 -7.38 19.04
CA LEU A 124 13.69 -7.46 19.68
C LEU A 124 14.79 -7.25 18.65
N GLY A 125 14.64 -7.82 17.46
CA GLY A 125 15.63 -7.60 16.41
C GLY A 125 15.70 -6.15 15.97
N ALA A 126 14.55 -5.50 15.82
CA ALA A 126 14.54 -4.08 15.46
C ALA A 126 15.17 -3.23 16.56
N LEU A 127 14.91 -3.55 17.82
CA LEU A 127 15.52 -2.82 18.92
C LEU A 127 17.03 -3.02 18.94
N GLY A 128 17.49 -4.24 18.69
CA GLY A 128 18.92 -4.49 18.63
C GLY A 128 19.58 -3.77 17.47
N MET A 129 18.89 -3.70 16.32
CA MET A 129 19.38 -2.91 15.21
C MET A 129 19.47 -1.43 15.59
N MET A 130 18.45 -0.92 16.28
CA MET A 130 18.47 0.48 16.69
C MET A 130 19.64 0.77 17.61
N LEU A 131 19.90 -0.15 18.56
CA LEU A 131 20.97 0.10 19.58
C LEU A 131 22.30 -0.53 19.16
N GLY A 132 22.34 -1.23 18.03
CA GLY A 132 23.56 -1.90 17.63
C GLY A 132 24.00 -2.92 18.67
N LEU A 133 23.03 -3.64 19.24
CA LEU A 133 23.27 -4.62 20.27
C LEU A 133 23.09 -6.01 19.66
N CYS A 134 24.15 -6.82 19.72
CA CYS A 134 24.19 -8.09 19.00
C CYS A 134 23.72 -7.86 17.57
N TYR A 135 24.43 -6.97 16.85
CA TYR A 135 23.89 -6.38 15.63
C TYR A 135 23.57 -7.40 14.56
N ARG A 136 24.49 -8.35 14.34
CA ARG A 136 24.27 -9.40 13.32
C ARG A 136 23.06 -10.25 13.75
N ILE A 137 23.03 -10.68 15.02
CA ILE A 137 21.94 -11.50 15.52
C ILE A 137 20.64 -10.72 15.52
N SER A 138 20.68 -9.45 15.92
CA SER A 138 19.47 -8.63 15.92
C SER A 138 18.95 -8.41 14.49
N CYS A 139 19.87 -8.21 13.55
CA CYS A 139 19.46 -8.05 12.16
C CYS A 139 18.76 -9.30 11.65
N VAL A 140 19.30 -10.48 11.98
CA VAL A 140 18.63 -11.71 11.58
C VAL A 140 17.28 -11.87 12.28
N LEU A 141 17.23 -11.54 13.58
CA LEU A 141 16.01 -11.67 14.37
C LEU A 141 14.91 -10.72 13.92
N PHE A 142 15.27 -9.61 13.27
CA PHE A 142 14.27 -8.77 12.63
C PHE A 142 13.98 -9.22 11.19
N LEU A 143 14.99 -9.70 10.48
CA LEU A 143 14.83 -10.00 9.06
C LEU A 143 13.96 -11.22 8.84
N LEU A 144 14.22 -12.31 9.55
CA LEU A 144 13.46 -13.53 9.30
C LEU A 144 11.98 -13.38 9.67
N PRO A 145 11.60 -12.91 10.87
CA PRO A 145 10.18 -12.69 11.13
C PRO A 145 9.54 -11.67 10.21
N TYR A 146 10.28 -10.61 9.86
CA TYR A 146 9.71 -9.59 8.97
C TYR A 146 9.35 -10.17 7.62
N TRP A 147 10.24 -10.95 7.03
CA TRP A 147 9.96 -11.50 5.71
C TRP A 147 8.97 -12.64 5.79
N TYR A 148 8.93 -13.37 6.90
CA TYR A 148 7.88 -14.35 7.10
C TYR A 148 6.51 -13.67 7.08
N VAL A 149 6.37 -12.57 7.81
CA VAL A 149 5.11 -11.84 7.85
C VAL A 149 4.81 -11.24 6.47
N PHE A 150 5.83 -10.72 5.80
CA PHE A 150 5.64 -10.11 4.49
C PHE A 150 5.12 -11.14 3.48
N LEU A 151 5.75 -12.32 3.44
CA LEU A 151 5.32 -13.35 2.50
C LEU A 151 4.06 -14.07 2.98
N LEU A 152 3.65 -13.84 4.23
CA LEU A 152 2.43 -14.47 4.74
C LEU A 152 1.18 -13.89 4.09
N ASP A 153 1.25 -12.66 3.60
CA ASP A 153 0.08 -11.99 3.04
C ASP A 153 0.53 -11.06 1.92
N LYS A 154 0.17 -11.39 0.68
CA LYS A 154 0.46 -10.52 -0.46
C LYS A 154 -0.38 -9.27 -0.47
N THR A 155 -1.47 -9.22 0.31
CA THR A 155 -2.31 -8.04 0.37
C THR A 155 -1.78 -6.97 1.31
N SER A 156 -0.80 -7.29 2.15
CA SER A 156 -0.15 -6.32 3.01
C SER A 156 1.09 -5.73 2.37
N TRP A 157 1.45 -6.16 1.17
CA TRP A 157 2.66 -5.68 0.52
C TRP A 157 2.50 -4.22 0.14
N ASN A 158 3.47 -3.40 0.54
CA ASN A 158 3.59 -2.03 0.09
C ASN A 158 5.01 -1.83 -0.40
N ASN A 159 5.24 -0.77 -1.16
CA ASN A 159 6.60 -0.45 -1.56
C ASN A 159 7.45 -0.09 -0.35
N HIS A 160 6.85 0.54 0.66
CA HIS A 160 7.62 0.88 1.86
C HIS A 160 7.87 -0.34 2.74
N SER A 161 6.91 -1.26 2.81
CA SER A 161 7.16 -2.49 3.57
C SER A 161 8.26 -3.32 2.91
N TYR A 162 8.20 -3.44 1.59
CA TYR A 162 9.27 -4.09 0.84
C TYR A 162 10.59 -3.35 1.04
N LEU A 163 10.54 -2.02 1.13
CA LEU A 163 11.75 -1.25 1.39
C LEU A 163 12.31 -1.55 2.77
N TYR A 164 11.45 -1.69 3.78
CA TYR A 164 11.91 -2.06 5.11
C TYR A 164 12.59 -3.42 5.09
N GLY A 165 11.98 -4.38 4.39
CA GLY A 165 12.62 -5.69 4.26
C GLY A 165 13.95 -5.63 3.55
N LEU A 166 14.05 -4.82 2.50
CA LEU A 166 15.31 -4.66 1.77
C LEU A 166 16.38 -4.03 2.67
N LEU A 167 16.01 -2.99 3.40
CA LEU A 167 16.97 -2.32 4.26
C LEU A 167 17.45 -3.23 5.37
N ALA A 168 16.54 -4.04 5.95
CA ALA A 168 16.98 -5.03 6.92
C ALA A 168 17.93 -6.04 6.30
N PHE A 169 17.61 -6.51 5.09
CA PHE A 169 18.45 -7.50 4.42
C PHE A 169 19.85 -6.95 4.18
N GLN A 170 19.95 -5.70 3.71
CA GLN A 170 21.26 -5.09 3.50
C GLN A 170 21.98 -4.89 4.82
N LEU A 171 21.32 -4.25 5.79
CA LEU A 171 21.94 -3.93 7.06
C LEU A 171 22.37 -5.17 7.83
N THR A 172 21.82 -6.34 7.48
CA THR A 172 22.32 -7.57 8.05
C THR A 172 23.80 -7.78 7.73
N PHE A 173 24.21 -7.44 6.51
CA PHE A 173 25.58 -7.67 6.05
C PHE A 173 26.48 -6.46 6.21
N MET A 174 25.91 -5.38 6.73
CA MET A 174 26.68 -4.12 6.88
C MET A 174 27.25 -4.02 8.31
N ASP A 175 28.37 -3.33 8.47
CA ASP A 175 28.99 -3.14 9.78
C ASP A 175 28.47 -1.83 10.39
N ALA A 176 27.16 -1.79 10.60
CA ALA A 176 26.51 -0.61 11.12
C ALA A 176 26.60 -0.50 12.64
N ASN A 177 27.19 -1.49 13.30
CA ASN A 177 27.42 -1.43 14.74
C ASN A 177 28.79 -0.87 15.09
N HIS A 178 29.49 -0.31 14.11
CA HIS A 178 30.83 0.22 14.31
C HIS A 178 30.83 1.63 14.86
N TYR A 179 29.66 2.22 15.10
CA TYR A 179 29.57 3.54 15.69
C TYR A 179 28.23 3.65 16.42
N TRP A 180 28.24 4.42 17.51
CA TRP A 180 27.01 4.71 18.27
C TRP A 180 26.22 3.45 18.56
N SER A 181 26.93 2.41 18.99
CA SER A 181 26.31 1.10 19.21
C SER A 181 26.76 0.54 20.54
N VAL A 182 25.90 -0.31 21.12
CA VAL A 182 26.28 -1.03 22.32
C VAL A 182 27.30 -2.11 22.02
N ASP A 183 27.38 -2.58 20.78
CA ASP A 183 28.41 -3.53 20.39
C ASP A 183 29.81 -2.94 20.57
N GLY A 184 29.96 -1.64 20.32
CA GLY A 184 31.24 -0.99 20.58
C GLY A 184 31.53 -0.80 22.05
N LEU A 185 30.49 -0.54 22.85
CA LEU A 185 30.65 -0.44 24.29
C LEU A 185 30.95 -1.77 24.96
N LEU A 186 30.57 -2.88 24.33
CA LEU A 186 30.72 -4.20 24.91
C LEU A 186 32.01 -4.91 24.47
N ASN A 187 32.48 -4.65 23.26
CA ASN A 187 33.71 -5.26 22.78
C ASN A 187 34.39 -4.31 21.80
N ALA A 188 35.71 -4.29 21.84
CA ALA A 188 36.50 -3.42 20.99
C ALA A 188 36.52 -3.96 19.55
N HIS A 189 37.29 -3.30 18.70
CA HIS A 189 37.40 -3.63 17.28
C HIS A 189 36.10 -3.33 16.54
N ARG A 190 35.09 -2.90 17.29
CA ARG A 190 33.84 -2.40 16.71
C ARG A 190 33.46 -1.04 17.25
N ARG A 191 34.27 -0.45 18.13
CA ARG A 191 33.99 0.85 18.71
C ARG A 191 34.69 1.92 17.87
N ASN A 192 33.89 2.70 17.13
CA ASN A 192 34.42 3.73 16.24
C ASN A 192 35.42 3.13 15.26
N ALA A 193 34.98 2.11 14.54
CA ALA A 193 35.85 1.39 13.60
C ALA A 193 35.40 1.63 12.17
N HIS A 194 36.35 1.56 11.25
CA HIS A 194 36.06 1.80 9.84
C HIS A 194 35.09 0.77 9.31
N VAL A 195 34.32 1.16 8.30
CA VAL A 195 33.40 0.24 7.64
C VAL A 195 33.73 0.21 6.15
N PRO A 196 33.46 -0.88 5.45
CA PRO A 196 33.71 -0.89 4.00
C PRO A 196 32.86 0.15 3.30
N LEU A 197 33.41 0.72 2.22
CA LEU A 197 32.65 1.71 1.47
C LEU A 197 31.40 1.10 0.87
N TRP A 198 31.42 -0.20 0.57
CA TRP A 198 30.28 -0.81 -0.09
C TRP A 198 29.03 -0.82 0.78
N ASN A 199 29.17 -0.64 2.10
CA ASN A 199 27.97 -0.47 2.92
C ASN A 199 27.19 0.77 2.51
N TYR A 200 27.88 1.90 2.45
CA TYR A 200 27.27 3.12 1.95
C TYR A 200 26.91 3.00 0.49
N ALA A 201 27.73 2.30 -0.30
CA ALA A 201 27.42 2.14 -1.71
C ALA A 201 26.09 1.43 -1.91
N VAL A 202 25.86 0.34 -1.16
CA VAL A 202 24.62 -0.41 -1.29
C VAL A 202 23.45 0.39 -0.76
N LEU A 203 23.62 1.07 0.38
CA LEU A 203 22.51 1.85 0.92
C LEU A 203 22.12 3.00 -0.01
N ARG A 204 23.12 3.76 -0.49
CA ARG A 204 22.87 4.84 -1.42
C ARG A 204 22.29 4.30 -2.73
N GLY A 205 22.78 3.16 -3.20
CA GLY A 205 22.25 2.59 -4.42
C GLY A 205 20.81 2.15 -4.28
N GLN A 206 20.46 1.61 -3.11
CA GLN A 206 19.07 1.23 -2.87
C GLN A 206 18.17 2.46 -2.85
N ILE A 207 18.60 3.52 -2.18
CA ILE A 207 17.79 4.74 -2.12
C ILE A 207 17.65 5.36 -3.51
N PHE A 208 18.73 5.41 -4.26
CA PHE A 208 18.66 5.94 -5.63
C PHE A 208 17.68 5.07 -6.39
N ILE A 209 17.87 3.75 -6.33
CA ILE A 209 17.01 2.87 -7.10
C ILE A 209 15.56 3.15 -6.78
N VAL A 210 15.24 3.33 -5.49
CA VAL A 210 13.86 3.68 -5.12
C VAL A 210 13.43 4.94 -5.85
N TYR A 211 14.22 6.00 -5.75
CA TYR A 211 13.84 7.28 -6.36
C TYR A 211 13.74 7.16 -7.88
N PHE A 212 14.77 6.62 -8.52
CA PHE A 212 14.83 6.62 -9.98
C PHE A 212 13.79 5.70 -10.58
N ILE A 213 13.64 4.49 -10.02
CA ILE A 213 12.64 3.56 -10.54
C ILE A 213 11.24 4.08 -10.24
N ALA A 214 11.06 4.79 -9.13
CA ALA A 214 9.80 5.48 -8.89
C ALA A 214 9.50 6.48 -9.98
N GLY A 215 10.51 7.27 -10.37
CA GLY A 215 10.32 8.23 -11.45
C GLY A 215 10.03 7.57 -12.77
N VAL A 216 10.71 6.46 -13.08
CA VAL A 216 10.51 5.77 -14.35
C VAL A 216 9.13 5.15 -14.39
N LYS A 217 8.65 4.61 -13.26
CA LYS A 217 7.27 4.14 -13.19
C LYS A 217 6.28 5.29 -13.32
N LYS A 218 6.61 6.45 -12.77
CA LYS A 218 5.77 7.64 -12.90
C LYS A 218 5.84 8.27 -14.28
N LEU A 219 6.75 7.80 -15.14
CA LEU A 219 6.69 8.15 -16.55
C LEU A 219 5.48 7.55 -17.25
N ASP A 220 4.63 6.84 -16.52
CA ASP A 220 3.40 6.31 -17.06
C ASP A 220 2.49 7.44 -17.52
N ALA A 221 1.67 7.17 -18.54
CA ALA A 221 0.84 8.21 -19.13
C ALA A 221 -0.17 8.76 -18.12
N ASP A 222 -0.68 7.91 -17.23
CA ASP A 222 -1.64 8.36 -16.23
C ASP A 222 -1.02 9.39 -15.29
N TRP A 223 0.22 9.15 -14.88
CA TRP A 223 0.89 10.09 -13.99
C TRP A 223 1.29 11.37 -14.73
N VAL A 224 1.84 11.22 -15.94
CA VAL A 224 2.29 12.38 -16.70
C VAL A 224 1.11 13.27 -17.05
N GLU A 225 -0.01 12.68 -17.47
CA GLU A 225 -1.19 13.45 -17.84
C GLU A 225 -1.96 13.97 -16.64
N GLY A 226 -1.60 13.56 -15.42
CA GLY A 226 -2.25 14.06 -14.22
C GLY A 226 -3.42 13.25 -13.73
N TYR A 227 -3.58 12.01 -14.18
CA TYR A 227 -4.75 11.21 -13.83
C TYR A 227 -4.59 10.42 -12.53
N SER A 228 -3.35 10.13 -12.14
CA SER A 228 -3.14 9.25 -10.97
C SER A 228 -3.67 9.90 -9.70
N MET A 229 -3.25 11.14 -9.41
CA MET A 229 -3.70 11.86 -8.22
C MET A 229 -4.08 13.28 -8.63
N GLU A 230 -5.31 13.46 -9.10
CA GLU A 230 -5.78 14.79 -9.43
C GLU A 230 -6.58 15.44 -8.31
N TYR A 231 -6.84 14.69 -7.22
CA TYR A 231 -7.54 15.23 -6.07
C TYR A 231 -6.61 15.43 -4.88
N LEU A 232 -5.32 15.16 -5.05
CA LEU A 232 -4.35 15.38 -3.98
C LEU A 232 -4.03 16.85 -3.77
N SER A 233 -4.05 17.64 -4.85
CA SER A 233 -3.73 19.05 -4.74
C SER A 233 -4.78 19.82 -3.95
N ARG A 234 -5.96 19.22 -3.73
CA ARG A 234 -6.99 19.86 -2.92
C ARG A 234 -6.58 20.01 -1.46
N HIS A 235 -5.53 19.29 -1.05
CA HIS A 235 -5.05 19.37 0.33
C HIS A 235 -4.54 20.77 0.64
N TRP A 236 -4.73 21.18 1.89
CA TRP A 236 -4.31 22.52 2.31
C TRP A 236 -2.80 22.70 2.24
N LEU A 237 -2.04 21.61 2.29
CA LEU A 237 -0.59 21.69 2.17
C LEU A 237 -0.16 22.26 0.83
N PHE A 238 -1.00 22.17 -0.18
CA PHE A 238 -0.73 22.72 -1.50
C PHE A 238 -1.22 24.15 -1.64
N SER A 239 -1.65 24.78 -0.55
CA SER A 239 -2.12 26.15 -0.60
C SER A 239 -1.11 27.15 -1.17
N PRO A 240 0.20 27.08 -0.86
CA PRO A 240 1.12 28.07 -1.46
C PRO A 240 1.10 28.07 -2.98
N PHE A 241 1.21 26.90 -3.60
CA PHE A 241 1.17 26.82 -5.06
C PHE A 241 -0.16 27.34 -5.60
N LYS A 242 -1.25 27.09 -4.86
CA LYS A 242 -2.56 27.59 -5.28
C LYS A 242 -2.57 29.11 -5.36
N LEU A 243 -1.65 29.77 -4.66
CA LEU A 243 -1.55 31.23 -4.78
C LEU A 243 -1.19 31.63 -6.21
N LEU A 244 -0.29 30.88 -6.86
CA LEU A 244 0.15 31.19 -8.21
C LEU A 244 -0.52 30.32 -9.25
N LEU A 245 -0.57 29.01 -9.04
CA LEU A 245 -1.15 28.07 -9.98
C LEU A 245 -2.60 27.78 -9.63
N SER A 246 -3.37 27.39 -10.64
CA SER A 246 -4.73 26.97 -10.40
C SER A 246 -4.75 25.58 -9.75
N GLU A 247 -5.94 25.17 -9.30
CA GLU A 247 -6.08 23.84 -8.70
C GLU A 247 -5.77 22.75 -9.72
N GLU A 248 -6.23 22.93 -10.97
CA GLU A 248 -5.93 21.97 -12.03
C GLU A 248 -4.46 22.02 -12.39
N LEU A 249 -3.86 23.21 -12.38
CA LEU A 249 -2.45 23.35 -12.73
C LEU A 249 -1.54 22.87 -11.60
N THR A 250 -1.97 23.05 -10.36
CA THR A 250 -1.17 22.58 -9.23
C THR A 250 -1.07 21.05 -9.24
N SER A 251 -2.17 20.37 -9.55
CA SER A 251 -2.15 18.92 -9.54
C SER A 251 -1.25 18.36 -10.64
N LEU A 252 -1.14 19.06 -11.76
CA LEU A 252 -0.33 18.58 -12.87
C LEU A 252 1.13 18.96 -12.70
N LEU A 253 1.40 20.25 -12.52
CA LEU A 253 2.78 20.72 -12.45
C LEU A 253 3.46 20.30 -11.17
N VAL A 254 2.77 20.41 -10.03
CA VAL A 254 3.40 20.20 -8.73
C VAL A 254 3.29 18.75 -8.29
N VAL A 255 2.08 18.21 -8.29
CA VAL A 255 1.88 16.86 -7.79
C VAL A 255 2.47 15.83 -8.74
N HIS A 256 2.21 15.99 -10.04
CA HIS A 256 2.57 14.96 -11.02
C HIS A 256 3.92 15.26 -11.67
N TRP A 257 4.05 16.40 -12.34
CA TRP A 257 5.32 16.75 -12.96
C TRP A 257 6.36 17.06 -11.90
N GLY A 258 5.97 17.77 -10.83
CA GLY A 258 6.89 18.00 -9.75
C GLY A 258 7.33 16.73 -9.05
N GLY A 259 6.36 15.85 -8.76
CA GLY A 259 6.69 14.59 -8.12
C GLY A 259 7.54 13.70 -9.00
N LEU A 260 7.21 13.61 -10.28
CA LEU A 260 8.00 12.82 -11.22
C LEU A 260 9.43 13.36 -11.34
N LEU A 261 9.55 14.68 -11.46
CA LEU A 261 10.88 15.29 -11.55
C LEU A 261 11.67 15.05 -10.28
N LEU A 262 11.03 15.17 -9.11
CA LEU A 262 11.71 14.92 -7.85
C LEU A 262 12.20 13.48 -7.78
N ASP A 263 11.34 12.52 -8.14
CA ASP A 263 11.75 11.12 -8.09
C ASP A 263 12.89 10.84 -9.06
N LEU A 264 12.82 11.41 -10.26
CA LEU A 264 13.86 11.15 -11.26
C LEU A 264 15.19 11.76 -10.85
N SER A 265 15.18 12.98 -10.31
CA SER A 265 16.42 13.70 -10.05
C SER A 265 16.89 13.61 -8.61
N ALA A 266 16.16 12.93 -7.73
CA ALA A 266 16.51 12.92 -6.31
C ALA A 266 17.84 12.23 -6.04
N GLY A 267 18.06 11.06 -6.65
CA GLY A 267 19.30 10.35 -6.43
C GLY A 267 20.50 11.12 -6.94
N PHE A 268 20.35 11.74 -8.12
CA PHE A 268 21.44 12.54 -8.67
C PHE A 268 21.71 13.78 -7.83
N LEU A 269 20.65 14.45 -7.35
CA LEU A 269 20.85 15.61 -6.50
C LEU A 269 21.53 15.24 -5.20
N LEU A 270 21.11 14.14 -4.58
CA LEU A 270 21.69 13.73 -3.30
C LEU A 270 23.12 13.25 -3.47
N PHE A 271 23.41 12.57 -4.58
CA PHE A 271 24.74 12.00 -4.76
C PHE A 271 25.80 13.08 -4.90
N PHE A 272 25.58 14.05 -5.79
CA PHE A 272 26.62 15.02 -6.10
C PHE A 272 26.72 16.08 -5.02
N ASP A 273 27.94 16.51 -4.73
CA ASP A 273 28.08 17.42 -3.57
C ASP A 273 27.54 18.80 -3.91
N VAL A 274 27.77 19.27 -5.12
CA VAL A 274 27.38 20.65 -5.42
C VAL A 274 25.87 20.84 -5.32
N SER A 275 25.11 19.79 -5.62
CA SER A 275 23.66 19.85 -5.57
C SER A 275 23.07 19.17 -4.34
N ARG A 276 23.90 18.74 -3.40
CA ARG A 276 23.39 17.95 -2.27
C ARG A 276 22.50 18.78 -1.36
N SER A 277 22.83 20.05 -1.17
CA SER A 277 22.01 20.90 -0.29
C SER A 277 20.61 21.07 -0.86
N ILE A 278 20.52 21.42 -2.15
CA ILE A 278 19.22 21.62 -2.78
C ILE A 278 18.47 20.30 -2.87
N GLY A 279 19.19 19.21 -3.15
CA GLY A 279 18.54 17.91 -3.18
C GLY A 279 18.01 17.48 -1.84
N LEU A 280 18.77 17.75 -0.78
CA LEU A 280 18.31 17.47 0.58
C LEU A 280 17.05 18.27 0.90
N PHE A 281 17.05 19.56 0.55
CA PHE A 281 15.87 20.38 0.83
C PHE A 281 14.65 19.87 0.06
N PHE A 282 14.82 19.60 -1.23
CA PHE A 282 13.70 19.15 -2.06
C PHE A 282 13.19 17.79 -1.57
N VAL A 283 14.10 16.87 -1.25
CA VAL A 283 13.73 15.53 -0.82
C VAL A 283 13.04 15.58 0.54
N SER A 284 13.55 16.43 1.44
CA SER A 284 12.93 16.57 2.75
C SER A 284 11.53 17.15 2.64
N TYR A 285 11.36 18.15 1.78
CA TYR A 285 10.03 18.71 1.55
C TYR A 285 9.10 17.64 0.98
N PHE A 286 9.58 16.89 -0.01
CA PHE A 286 8.79 15.81 -0.61
C PHE A 286 8.33 14.82 0.44
N HIS A 287 9.24 14.40 1.32
CA HIS A 287 8.91 13.35 2.27
C HIS A 287 8.04 13.88 3.40
N CYS A 288 8.25 15.11 3.85
CA CYS A 288 7.36 15.68 4.85
C CYS A 288 5.95 15.81 4.31
N MET A 289 5.81 16.30 3.07
CA MET A 289 4.49 16.38 2.47
C MET A 289 3.86 15.01 2.31
N ASN A 290 4.63 14.02 1.88
CA ASN A 290 4.08 12.67 1.74
C ASN A 290 3.66 12.10 3.09
N SER A 291 4.41 12.42 4.15
CA SER A 291 4.03 12.00 5.49
C SER A 291 2.72 12.62 5.93
N GLN A 292 2.48 13.89 5.60
CA GLN A 292 1.23 14.55 5.95
C GLN A 292 0.14 14.43 4.90
N LEU A 293 0.38 13.70 3.81
CA LEU A 293 -0.61 13.53 2.75
C LEU A 293 -1.14 12.12 2.64
N PHE A 294 -0.31 11.12 2.94
CA PHE A 294 -0.68 9.71 2.80
C PHE A 294 -0.44 8.99 4.12
N SER A 295 -1.23 7.94 4.34
CA SER A 295 -1.03 7.06 5.49
C SER A 295 -0.12 5.90 5.09
N ILE A 296 1.17 6.24 4.95
CA ILE A 296 2.16 5.29 4.44
C ILE A 296 3.08 4.86 5.58
N GLY A 297 2.58 4.90 6.81
CA GLY A 297 3.35 4.42 7.94
C GLY A 297 4.59 5.25 8.16
N MET A 298 5.77 4.62 8.06
CA MET A 298 7.04 5.34 8.35
C MET A 298 7.82 5.59 7.05
N PHE A 299 7.20 5.37 5.89
CA PHE A 299 7.90 5.50 4.62
C PHE A 299 8.65 6.82 4.54
N SER A 300 7.95 7.92 4.78
CA SER A 300 8.54 9.24 4.63
C SER A 300 9.67 9.45 5.62
N TYR A 301 9.49 8.97 6.86
CA TYR A 301 10.54 9.12 7.86
C TYR A 301 11.74 8.23 7.55
N VAL A 302 11.50 7.05 6.99
CA VAL A 302 12.61 6.18 6.58
C VAL A 302 13.42 6.85 5.48
N MET A 303 12.76 7.45 4.50
CA MET A 303 13.51 8.12 3.44
C MET A 303 14.16 9.41 3.93
N LEU A 304 13.54 10.08 4.90
CA LEU A 304 14.17 11.25 5.52
C LEU A 304 15.45 10.84 6.24
N ALA A 305 15.42 9.71 6.94
CA ALA A 305 16.63 9.18 7.56
C ALA A 305 17.66 8.72 6.55
N SER A 306 17.22 8.18 5.41
CA SER A 306 18.14 7.69 4.39
C SER A 306 18.78 8.81 3.58
N SER A 307 18.17 9.99 3.55
CA SER A 307 18.73 11.09 2.78
C SER A 307 20.15 11.46 3.20
N PRO A 308 20.47 11.62 4.50
CA PRO A 308 21.86 11.94 4.87
C PRO A 308 22.85 10.79 4.65
N LEU A 309 22.40 9.69 4.05
CA LEU A 309 23.35 8.59 3.72
C LEU A 309 24.23 9.08 2.55
N PHE A 310 23.67 9.92 1.68
CA PHE A 310 24.44 10.47 0.58
C PHE A 310 25.41 11.55 1.03
N CYS A 311 25.23 12.09 2.23
CA CYS A 311 26.17 13.04 2.79
C CYS A 311 27.49 12.33 3.13
N SER A 312 28.45 13.11 3.60
CA SER A 312 29.73 12.55 3.99
C SER A 312 29.52 11.55 5.13
N PRO A 313 30.21 10.41 5.12
CA PRO A 313 29.97 9.40 6.16
C PRO A 313 30.28 9.89 7.56
N GLU A 314 31.05 10.96 7.69
CA GLU A 314 31.43 11.50 8.99
C GLU A 314 30.59 12.70 9.40
N TRP A 315 29.46 12.95 8.74
CA TRP A 315 28.62 14.07 9.14
C TRP A 315 28.14 13.98 10.59
N PRO A 316 27.71 12.82 11.12
CA PRO A 316 27.38 12.79 12.55
C PRO A 316 28.59 13.05 13.42
N ARG A 317 29.77 12.62 12.96
CA ARG A 317 31.00 12.91 13.68
C ARG A 317 31.29 14.41 13.69
N LYS A 318 31.01 15.09 12.57
CA LYS A 318 31.14 16.53 12.54
C LYS A 318 30.18 17.20 13.50
N LEU A 319 28.93 16.75 13.53
CA LEU A 319 27.95 17.34 14.44
C LEU A 319 28.35 17.12 15.89
N VAL A 320 28.81 15.92 16.23
CA VAL A 320 29.26 15.61 17.58
C VAL A 320 30.45 16.49 17.95
N SER A 321 31.39 16.63 17.02
CA SER A 321 32.59 17.43 17.29
C SER A 321 32.24 18.89 17.55
N TYR A 322 31.20 19.39 16.87
CA TYR A 322 30.80 20.79 17.07
C TYR A 322 30.43 21.05 18.52
N CYS A 323 29.52 20.22 19.06
CA CYS A 323 29.11 20.24 20.46
C CYS A 323 28.83 21.66 20.96
N PRO A 324 27.78 22.31 20.46
CA PRO A 324 27.49 23.68 20.94
C PRO A 324 27.23 23.74 22.44
N ARG A 325 26.63 22.69 23.02
CA ARG A 325 26.35 22.63 24.45
C ARG A 325 27.40 21.81 25.20
N ARG A 326 28.49 21.43 24.53
CA ARG A 326 29.54 20.60 25.14
C ARG A 326 28.96 19.31 25.72
N LEU A 327 28.03 18.71 24.98
CA LEU A 327 27.37 17.49 25.38
C LEU A 327 27.98 16.25 24.73
N GLN A 328 29.19 16.36 24.19
CA GLN A 328 29.80 15.25 23.48
C GLN A 328 30.14 14.08 24.40
N GLN A 329 30.11 14.29 25.73
CA GLN A 329 30.32 13.17 26.64
C GLN A 329 29.22 12.14 26.50
N LEU A 330 27.96 12.60 26.40
CA LEU A 330 26.85 11.68 26.15
C LEU A 330 26.80 11.24 24.70
N LEU A 331 27.25 12.09 23.78
CA LEU A 331 27.26 11.76 22.36
C LEU A 331 28.33 10.71 22.07
N PRO A 332 28.24 10.03 20.92
CA PRO A 332 29.24 9.02 20.58
C PRO A 332 30.64 9.61 20.46
N LEU A 333 31.60 8.72 20.24
CA LEU A 333 33.00 9.13 20.11
C LEU A 333 33.17 10.06 18.92
N LYS A 334 33.96 11.11 19.10
CA LYS A 334 34.28 12.03 18.03
C LYS A 334 35.67 11.79 17.43
N ALA A 335 36.42 10.83 17.96
CA ALA A 335 37.74 10.54 17.45
C ALA A 335 37.65 9.90 16.07
N ALA A 336 38.76 9.95 15.34
CA ALA A 336 38.80 9.35 14.02
C ALA A 336 38.60 7.84 14.14
N PRO A 337 37.92 7.21 13.17
CA PRO A 337 37.65 5.78 13.28
C PRO A 337 38.93 4.97 13.31
N GLN A 338 38.91 3.89 14.09
CA GLN A 338 40.03 2.97 14.16
C GLN A 338 40.01 2.01 12.97
N PRO A 339 41.16 1.48 12.60
CA PRO A 339 41.19 0.51 11.49
C PRO A 339 40.38 -0.73 11.83
N SER A 340 39.70 -1.27 10.81
CA SER A 340 38.86 -2.43 10.96
C SER A 340 39.21 -3.45 9.88
N VAL A 341 39.16 -4.74 10.23
CA VAL A 341 39.49 -5.79 9.28
C VAL A 341 38.42 -5.95 8.21
N SER A 342 37.29 -5.26 8.35
CA SER A 342 36.25 -5.32 7.33
C SER A 342 36.63 -4.57 6.06
N CYS A 343 37.59 -3.65 6.15
CA CYS A 343 37.98 -2.81 5.02
C CYS A 343 39.35 -3.24 4.48
N VAL A 344 39.62 -2.81 3.26
CA VAL A 344 40.90 -3.06 2.61
C VAL A 344 41.70 -1.77 2.62
N TYR A 345 42.89 -1.82 3.21
CA TYR A 345 43.73 -0.64 3.35
C TYR A 345 44.87 -0.73 2.35
N LYS A 346 44.97 0.28 1.49
CA LYS A 346 46.03 0.31 0.48
C LYS A 346 47.37 0.55 1.15
N ARG A 347 48.36 -0.28 0.79
CA ARG A 347 49.69 -0.16 1.36
C ARG A 347 50.72 -0.84 0.47
N GLY A 353 50.93 -4.57 0.40
CA GLY A 353 49.89 -4.94 -0.53
C GLY A 353 48.51 -5.01 0.10
N GLN A 354 48.37 -5.86 1.12
CA GLN A 354 47.10 -6.07 1.82
C GLN A 354 45.99 -6.46 0.85
N LYS A 355 46.20 -7.60 0.19
CA LYS A 355 45.22 -8.08 -0.77
C LYS A 355 43.90 -8.38 -0.07
N PRO A 356 42.76 -8.08 -0.70
CA PRO A 356 41.47 -8.33 -0.05
C PRO A 356 41.27 -9.80 0.26
N GLY A 357 40.69 -10.07 1.43
CA GLY A 357 40.33 -11.41 1.81
C GLY A 357 38.97 -11.81 1.28
N LEU A 358 38.51 -12.97 1.74
CA LEU A 358 37.27 -13.53 1.21
C LEU A 358 36.07 -12.65 1.53
N ARG A 359 36.04 -12.06 2.73
CA ARG A 359 34.91 -11.24 3.13
C ARG A 359 34.80 -9.99 2.25
N HIS A 360 35.93 -9.45 1.80
CA HIS A 360 35.88 -8.27 0.94
C HIS A 360 35.35 -8.63 -0.45
N GLN A 361 35.76 -9.79 -0.98
CA GLN A 361 35.22 -10.24 -2.25
C GLN A 361 33.73 -10.50 -2.15
N LEU A 362 33.27 -11.12 -1.07
CA LEU A 362 31.84 -11.31 -0.87
C LEU A 362 31.12 -9.98 -0.75
N GLY A 363 31.71 -9.00 -0.08
CA GLY A 363 31.08 -7.69 0.02
C GLY A 363 30.92 -7.02 -1.33
N ALA A 364 31.98 -7.04 -2.15
CA ALA A 364 31.89 -6.44 -3.49
C ALA A 364 30.89 -7.19 -4.36
N ALA A 365 30.91 -8.52 -4.32
CA ALA A 365 29.97 -9.30 -5.11
C ALA A 365 28.55 -9.07 -4.66
N PHE A 366 28.33 -8.95 -3.35
CA PHE A 366 27.00 -8.64 -2.84
C PHE A 366 26.54 -7.28 -3.33
N THR A 367 27.43 -6.28 -3.28
CA THR A 367 27.07 -4.96 -3.80
C THR A 367 26.61 -5.04 -5.25
N LEU A 368 27.44 -5.66 -6.10
CA LEU A 368 27.12 -5.72 -7.52
C LEU A 368 25.83 -6.49 -7.77
N LEU A 369 25.74 -7.71 -7.24
CA LEU A 369 24.59 -8.56 -7.52
C LEU A 369 23.32 -7.98 -6.93
N TYR A 370 23.38 -7.44 -5.71
CA TYR A 370 22.20 -6.87 -5.08
C TYR A 370 21.71 -5.65 -5.84
N LEU A 371 22.62 -4.78 -6.28
CA LEU A 371 22.16 -3.62 -7.03
C LEU A 371 21.62 -4.02 -8.40
N LEU A 372 22.21 -5.02 -9.04
CA LEU A 372 21.66 -5.52 -10.30
C LEU A 372 20.26 -6.09 -10.10
N GLU A 373 20.08 -6.87 -9.03
CA GLU A 373 18.77 -7.46 -8.76
C GLU A 373 17.74 -6.39 -8.39
N GLN A 374 18.18 -5.34 -7.69
CA GLN A 374 17.27 -4.27 -7.33
C GLN A 374 16.90 -3.41 -8.52
N LEU A 375 17.78 -3.30 -9.52
CA LEU A 375 17.44 -2.65 -10.77
C LEU A 375 16.57 -3.54 -11.66
N PHE A 376 16.69 -4.85 -11.57
CA PHE A 376 15.98 -5.78 -12.43
C PHE A 376 14.59 -6.16 -11.94
N LEU A 377 14.41 -6.35 -10.64
CA LEU A 377 13.15 -6.86 -10.11
C LEU A 377 11.93 -6.01 -10.46
N PRO A 378 11.97 -4.67 -10.40
CA PRO A 378 10.81 -3.89 -10.85
C PRO A 378 10.46 -4.10 -12.31
N TYR A 379 11.37 -4.66 -13.11
CA TYR A 379 11.14 -4.85 -14.54
C TYR A 379 11.19 -6.32 -14.92
N SER A 380 11.02 -7.22 -13.96
CA SER A 380 11.04 -8.66 -14.19
C SER A 380 9.66 -9.22 -14.46
N HIS A 381 8.68 -8.37 -14.75
CA HIS A 381 7.32 -8.82 -14.96
C HIS A 381 7.14 -9.56 -16.28
N PHE A 382 8.14 -9.53 -17.16
CA PHE A 382 8.09 -10.36 -18.35
C PHE A 382 8.32 -11.83 -18.00
N LEU A 383 8.85 -12.08 -16.80
CA LEU A 383 9.09 -13.46 -16.37
C LEU A 383 7.89 -14.00 -15.60
N THR A 384 7.42 -13.25 -14.61
CA THR A 384 6.28 -13.67 -13.78
C THR A 384 5.02 -12.99 -14.32
N GLN A 385 4.48 -13.56 -15.39
CA GLN A 385 3.29 -13.03 -16.03
C GLN A 385 1.99 -13.50 -15.38
N GLY A 386 2.08 -14.40 -14.41
CA GLY A 386 0.88 -14.82 -13.69
C GLY A 386 0.41 -13.77 -12.70
N TYR A 387 1.23 -12.75 -12.45
CA TYR A 387 0.88 -11.67 -11.54
C TYR A 387 0.69 -10.35 -12.27
N ASN A 388 0.50 -10.38 -13.59
CA ASN A 388 0.49 -9.14 -14.37
C ASN A 388 -0.83 -8.42 -14.25
N ASN A 389 -1.94 -9.10 -14.52
CA ASN A 389 -3.29 -8.51 -14.44
C ASN A 389 -3.32 -7.26 -15.31
N TRP A 390 -3.80 -6.11 -14.81
CA TRP A 390 -3.76 -4.87 -15.57
C TRP A 390 -2.41 -4.17 -15.39
N THR A 391 -2.04 -3.91 -14.14
CA THR A 391 -0.75 -3.30 -13.82
C THR A 391 0.24 -4.42 -13.51
N ASN A 392 1.32 -4.48 -14.29
CA ASN A 392 2.22 -5.63 -14.27
C ASN A 392 2.77 -5.89 -12.87
N GLY A 393 2.77 -7.15 -12.49
CA GLY A 393 3.44 -7.59 -11.28
C GLY A 393 2.61 -7.43 -10.03
N LEU A 394 3.02 -8.13 -8.98
CA LEU A 394 2.48 -7.92 -7.65
C LEU A 394 2.83 -6.52 -7.17
N TYR A 395 1.91 -5.89 -6.46
CA TYR A 395 2.21 -4.57 -5.92
C TYR A 395 3.12 -4.68 -4.71
N GLY A 396 4.15 -3.86 -4.67
CA GLY A 396 5.03 -3.82 -3.53
C GLY A 396 6.51 -3.72 -3.86
N TYR A 397 6.92 -4.27 -5.00
CA TYR A 397 8.34 -4.36 -5.32
C TYR A 397 8.71 -3.68 -6.63
N SER A 398 7.88 -2.78 -7.15
CA SER A 398 8.18 -2.12 -8.43
C SER A 398 8.32 -0.62 -8.27
N TRP A 399 8.21 -0.10 -7.05
CA TRP A 399 8.30 1.34 -6.77
C TRP A 399 7.34 2.13 -7.65
N ASP A 400 6.13 1.61 -7.79
CA ASP A 400 5.07 2.23 -8.58
C ASP A 400 4.03 2.89 -7.68
N MET A 401 4.50 3.52 -6.61
CA MET A 401 3.60 4.09 -5.60
C MET A 401 2.72 5.17 -6.20
N MET A 402 1.42 5.08 -5.91
CA MET A 402 0.46 6.13 -6.22
C MET A 402 0.35 6.43 -7.72
N VAL A 403 0.70 5.45 -8.56
CA VAL A 403 0.64 5.66 -10.00
C VAL A 403 -0.69 5.15 -10.52
N HIS A 404 -1.18 4.05 -9.96
CA HIS A 404 -2.41 3.40 -10.41
C HIS A 404 -3.42 3.42 -9.26
N SER A 405 -4.51 4.16 -9.46
CA SER A 405 -5.60 4.21 -8.50
C SER A 405 -6.79 3.47 -9.07
N ARG A 406 -7.36 2.55 -8.29
CA ARG A 406 -8.46 1.71 -8.73
C ARG A 406 -9.72 2.08 -7.97
N SER A 407 -10.84 2.16 -8.70
CA SER A 407 -12.15 2.41 -8.12
C SER A 407 -13.08 1.29 -8.56
N HIS A 408 -13.43 0.42 -7.62
CA HIS A 408 -14.29 -0.72 -7.91
C HIS A 408 -15.75 -0.34 -7.72
N GLN A 409 -16.56 -0.59 -8.74
CA GLN A 409 -17.98 -0.28 -8.69
C GLN A 409 -18.80 -1.41 -8.08
N HIS A 410 -18.54 -2.65 -8.49
CA HIS A 410 -19.35 -3.77 -8.04
C HIS A 410 -18.52 -5.04 -8.07
N VAL A 411 -18.89 -5.98 -7.18
CA VAL A 411 -18.21 -7.31 -7.13
C VAL A 411 -19.29 -8.37 -6.88
N LYS A 412 -19.49 -9.30 -7.81
CA LYS A 412 -20.48 -10.36 -7.70
C LYS A 412 -19.74 -11.69 -7.71
N ILE A 413 -19.75 -12.38 -6.58
CA ILE A 413 -19.12 -13.68 -6.45
C ILE A 413 -20.23 -14.72 -6.59
N THR A 414 -20.46 -15.17 -7.81
CA THR A 414 -21.45 -16.20 -8.07
C THR A 414 -20.84 -17.57 -7.80
N TYR A 415 -21.68 -18.50 -7.36
CA TYR A 415 -21.27 -19.88 -7.21
C TYR A 415 -22.36 -20.79 -7.74
N ARG A 416 -21.95 -21.97 -8.19
CA ARG A 416 -22.87 -23.00 -8.65
C ARG A 416 -22.50 -24.28 -7.90
N ASP A 417 -23.43 -24.77 -7.07
CA ASP A 417 -23.20 -25.98 -6.30
C ASP A 417 -22.99 -27.15 -7.24
N GLY A 418 -21.91 -27.89 -7.03
CA GLY A 418 -21.55 -28.97 -7.95
C GLY A 418 -22.47 -30.16 -7.92
N ARG A 419 -23.18 -30.37 -6.81
CA ARG A 419 -24.12 -31.48 -6.66
C ARG A 419 -25.54 -31.08 -7.01
N THR A 420 -26.05 -30.01 -6.39
CA THR A 420 -27.42 -29.58 -6.64
C THR A 420 -27.54 -28.85 -7.98
N GLY A 421 -26.54 -28.06 -8.34
CA GLY A 421 -26.63 -27.18 -9.48
C GLY A 421 -27.30 -25.86 -9.23
N GLU A 422 -27.74 -25.61 -7.98
CA GLU A 422 -28.42 -24.37 -7.64
C GLU A 422 -27.46 -23.20 -7.74
N LEU A 423 -27.95 -22.08 -8.27
CA LEU A 423 -27.14 -20.89 -8.38
C LEU A 423 -27.24 -20.06 -7.11
N GLY A 424 -26.09 -19.66 -6.57
CA GLY A 424 -26.08 -18.85 -5.36
C GLY A 424 -25.07 -17.73 -5.51
N TYR A 425 -25.16 -16.77 -4.59
CA TYR A 425 -24.28 -15.60 -4.61
C TYR A 425 -23.69 -15.38 -3.23
N LEU A 426 -22.42 -14.95 -3.21
CA LEU A 426 -21.67 -14.75 -1.99
C LEU A 426 -21.46 -13.27 -1.73
N ASN A 427 -21.30 -12.93 -0.46
CA ASN A 427 -20.91 -11.57 -0.10
C ASN A 427 -19.47 -11.35 -0.59
N PRO A 428 -19.21 -10.34 -1.41
CA PRO A 428 -17.84 -10.10 -1.86
C PRO A 428 -16.91 -9.85 -0.68
N GLY A 429 -15.78 -10.54 -0.69
CA GLY A 429 -14.84 -10.46 0.41
C GLY A 429 -15.39 -10.99 1.72
N VAL A 430 -16.12 -12.10 1.68
CA VAL A 430 -16.80 -12.60 2.88
C VAL A 430 -15.78 -13.15 3.87
N PHE A 431 -14.79 -13.90 3.39
CA PHE A 431 -13.80 -14.52 4.27
C PHE A 431 -12.44 -13.86 4.17
N THR A 432 -12.32 -12.77 3.42
CA THR A 432 -11.04 -12.10 3.28
C THR A 432 -10.92 -10.95 4.27
N GLN A 433 -9.69 -10.71 4.73
CA GLN A 433 -9.38 -9.57 5.56
C GLN A 433 -8.84 -8.40 4.75
N SER A 434 -8.79 -8.53 3.42
CA SER A 434 -8.37 -7.45 2.54
C SER A 434 -9.22 -7.51 1.28
N ARG A 435 -9.00 -6.52 0.40
CA ARG A 435 -9.77 -6.42 -0.84
C ARG A 435 -8.87 -6.38 -2.07
N ARG A 436 -7.60 -6.71 -1.93
CA ARG A 436 -6.68 -6.67 -3.08
C ARG A 436 -6.93 -7.81 -4.05
N TRP A 437 -7.57 -8.89 -3.61
CA TRP A 437 -7.87 -10.00 -4.51
C TRP A 437 -8.72 -9.56 -5.69
N LYS A 438 -9.33 -8.39 -5.59
CA LYS A 438 -10.25 -7.93 -6.65
C LYS A 438 -9.44 -7.49 -7.86
N ASP A 439 -8.14 -7.25 -7.67
CA ASP A 439 -7.32 -6.71 -8.75
C ASP A 439 -6.24 -7.66 -9.23
N HIS A 440 -6.18 -8.88 -8.70
CA HIS A 440 -5.08 -9.79 -9.01
C HIS A 440 -5.62 -11.18 -9.29
N ALA A 441 -5.17 -11.77 -10.40
CA ALA A 441 -5.59 -13.14 -10.74
C ALA A 441 -4.98 -14.16 -9.79
N ASP A 442 -3.77 -13.90 -9.29
CA ASP A 442 -3.17 -14.80 -8.31
C ASP A 442 -3.98 -14.83 -7.02
N MET A 443 -4.28 -13.66 -6.47
CA MET A 443 -5.09 -13.58 -5.27
C MET A 443 -6.53 -14.04 -5.52
N LEU A 444 -7.04 -13.82 -6.74
CA LEU A 444 -8.40 -14.32 -7.05
C LEU A 444 -8.39 -15.85 -7.05
N LYS A 445 -7.36 -16.45 -7.64
CA LYS A 445 -7.24 -17.91 -7.64
C LYS A 445 -7.15 -18.44 -6.22
N GLN A 446 -6.35 -17.78 -5.38
CA GLN A 446 -6.26 -18.18 -3.97
C GLN A 446 -7.60 -18.03 -3.25
N TYR A 447 -8.29 -16.93 -3.50
CA TYR A 447 -9.59 -16.69 -2.89
C TYR A 447 -10.60 -17.75 -3.32
N ALA A 448 -10.60 -18.10 -4.61
CA ALA A 448 -11.55 -19.10 -5.08
C ALA A 448 -11.22 -20.48 -4.54
N THR A 449 -9.94 -20.82 -4.41
CA THR A 449 -9.59 -22.09 -3.79
C THR A 449 -10.01 -22.13 -2.34
N CYS A 450 -9.77 -21.04 -1.60
CA CYS A 450 -10.18 -20.99 -0.20
C CYS A 450 -11.70 -21.07 -0.08
N LEU A 451 -12.42 -20.40 -0.98
CA LEU A 451 -13.87 -20.48 -0.98
C LEU A 451 -14.33 -21.89 -1.32
N SER A 452 -13.66 -22.55 -2.26
CA SER A 452 -14.04 -23.91 -2.61
C SER A 452 -13.78 -24.89 -1.47
N ARG A 453 -12.81 -24.60 -0.61
CA ARG A 453 -12.60 -25.45 0.56
C ARG A 453 -13.46 -25.08 1.76
N LEU A 454 -13.93 -23.84 1.84
CA LEU A 454 -14.76 -23.39 2.97
C LEU A 454 -16.25 -23.58 2.72
N LEU A 455 -16.70 -23.38 1.49
CA LEU A 455 -18.12 -23.42 1.19
C LEU A 455 -18.80 -24.76 1.47
N PRO A 456 -18.13 -25.91 1.38
CA PRO A 456 -18.78 -27.16 1.83
C PRO A 456 -19.26 -27.10 3.27
N LYS A 457 -18.61 -26.32 4.11
CA LYS A 457 -19.10 -26.12 5.48
C LYS A 457 -20.46 -25.43 5.48
N TYR A 458 -20.73 -24.56 4.50
CA TYR A 458 -21.98 -23.84 4.39
C TYR A 458 -22.97 -24.47 3.41
N ASN A 459 -22.91 -25.79 3.22
CA ASN A 459 -23.86 -26.59 2.44
C ASN A 459 -23.68 -26.56 0.91
N VAL A 460 -22.71 -25.75 0.46
CA VAL A 460 -22.40 -25.66 -0.99
C VAL A 460 -21.17 -26.51 -1.32
N THR A 461 -21.36 -27.65 -1.98
CA THR A 461 -20.25 -28.56 -2.26
C THR A 461 -19.87 -28.50 -3.73
N GLU A 462 -18.58 -28.65 -4.00
CA GLU A 462 -17.98 -28.51 -5.32
C GLU A 462 -18.42 -27.18 -5.97
N PRO A 463 -18.10 -26.05 -5.34
CA PRO A 463 -18.58 -24.76 -5.86
C PRO A 463 -17.84 -24.37 -7.12
N GLN A 464 -18.59 -24.07 -8.18
CA GLN A 464 -18.04 -23.42 -9.37
C GLN A 464 -18.21 -21.93 -9.14
N ILE A 465 -17.11 -21.24 -8.86
CA ILE A 465 -17.18 -19.86 -8.39
C ILE A 465 -16.68 -18.93 -9.48
N TYR A 466 -17.54 -18.01 -9.88
CA TYR A 466 -17.26 -17.00 -10.89
C TYR A 466 -17.20 -15.63 -10.23
N PHE A 467 -16.28 -14.80 -10.68
CA PHE A 467 -16.10 -13.46 -10.11
C PHE A 467 -16.37 -12.43 -11.20
N ASP A 468 -17.36 -11.57 -10.94
CA ASP A 468 -17.68 -10.46 -11.83
C ASP A 468 -17.33 -9.17 -11.08
N ILE A 469 -16.10 -8.71 -11.32
CA ILE A 469 -15.57 -7.51 -10.60
C ILE A 469 -15.40 -6.37 -11.60
N TRP A 470 -16.00 -5.21 -11.29
CA TRP A 470 -15.91 -4.02 -12.14
C TRP A 470 -14.92 -3.06 -11.51
N VAL A 471 -13.82 -2.81 -12.21
CA VAL A 471 -12.78 -1.91 -11.73
C VAL A 471 -12.54 -0.82 -12.75
N SER A 472 -12.36 0.41 -12.26
CA SER A 472 -11.96 1.54 -13.06
C SER A 472 -10.60 2.01 -12.54
N ILE A 473 -9.56 1.89 -13.39
CA ILE A 473 -8.20 2.35 -13.03
C ILE A 473 -7.98 3.77 -13.57
N ASN A 474 -7.59 4.68 -12.71
CA ASN A 474 -7.33 6.07 -13.07
C ASN A 474 -8.49 6.68 -13.84
N ASP A 475 -9.69 6.56 -13.27
CA ASP A 475 -10.89 7.27 -13.75
C ASP A 475 -11.27 6.85 -15.17
N ARG A 476 -11.00 5.60 -15.51
CA ARG A 476 -11.40 5.04 -16.78
C ARG A 476 -12.82 4.47 -16.68
N PHE A 477 -13.33 3.99 -17.81
CA PHE A 477 -14.59 3.27 -17.82
C PHE A 477 -14.50 2.06 -16.89
N GLN A 478 -15.53 1.87 -16.07
CA GLN A 478 -15.60 0.67 -15.25
C GLN A 478 -15.78 -0.54 -16.15
N GLN A 479 -14.88 -1.51 -16.01
CA GLN A 479 -14.92 -2.71 -16.83
C GLN A 479 -14.52 -3.91 -15.99
N ARG A 480 -14.91 -5.08 -16.46
CA ARG A 480 -14.54 -6.31 -15.78
C ARG A 480 -13.05 -6.55 -15.93
N ILE A 481 -12.40 -6.87 -14.80
CA ILE A 481 -10.98 -7.21 -14.85
C ILE A 481 -10.78 -8.69 -15.14
N PHE A 482 -11.69 -9.55 -14.67
CA PHE A 482 -11.62 -10.98 -14.91
C PHE A 482 -12.85 -11.41 -15.69
N ASP A 483 -12.70 -12.51 -16.42
CA ASP A 483 -13.82 -13.08 -17.15
C ASP A 483 -14.88 -13.56 -16.16
N PRO A 484 -16.12 -13.09 -16.26
CA PRO A 484 -17.18 -13.56 -15.36
C PRO A 484 -17.76 -14.92 -15.74
N ARG A 485 -17.36 -15.48 -16.88
CA ARG A 485 -17.89 -16.75 -17.37
C ARG A 485 -17.02 -17.93 -16.99
N VAL A 486 -15.88 -17.70 -16.37
CA VAL A 486 -14.91 -18.75 -16.10
C VAL A 486 -14.94 -19.10 -14.62
N ASP A 487 -14.86 -20.39 -14.32
CA ASP A 487 -14.82 -20.88 -12.94
C ASP A 487 -13.38 -20.74 -12.44
N ILE A 488 -13.12 -19.69 -11.69
CA ILE A 488 -11.74 -19.46 -11.22
C ILE A 488 -11.28 -20.72 -10.47
N VAL A 489 -12.17 -21.32 -9.67
CA VAL A 489 -11.79 -22.48 -8.88
C VAL A 489 -11.06 -23.50 -9.75
N GLN A 490 -11.57 -23.74 -10.96
CA GLN A 490 -10.96 -24.66 -11.89
C GLN A 490 -10.16 -23.96 -12.99
N ALA A 491 -10.15 -22.64 -13.01
CA ALA A 491 -9.38 -21.91 -14.01
C ALA A 491 -7.89 -22.12 -13.78
N ALA A 492 -7.13 -21.99 -14.86
CA ALA A 492 -5.69 -22.26 -14.85
C ALA A 492 -4.95 -20.95 -14.57
N TRP A 493 -4.24 -20.92 -13.45
CA TRP A 493 -3.32 -19.83 -13.14
C TRP A 493 -1.95 -20.42 -12.85
N SER A 494 -0.92 -19.84 -13.47
CA SER A 494 0.46 -20.24 -13.28
C SER A 494 1.32 -19.02 -12.98
N PRO A 495 2.34 -19.16 -12.15
CA PRO A 495 3.18 -18.00 -11.80
C PRO A 495 3.91 -17.38 -12.97
N PHE A 496 4.16 -18.13 -14.05
CA PHE A 496 4.98 -17.64 -15.16
C PHE A 496 4.23 -17.68 -16.48
N GLN A 497 2.90 -17.77 -16.45
CA GLN A 497 2.08 -17.78 -17.65
C GLN A 497 1.05 -16.67 -17.57
N ARG A 498 0.84 -15.96 -18.67
CA ARG A 498 -0.17 -14.91 -18.70
C ARG A 498 -1.55 -15.51 -18.48
N THR A 499 -2.32 -14.89 -17.59
CA THR A 499 -3.61 -15.42 -17.20
C THR A 499 -4.63 -15.21 -18.31
N SER A 500 -5.25 -16.30 -18.76
CA SER A 500 -6.17 -16.23 -19.88
C SER A 500 -7.50 -15.60 -19.51
N TRP A 501 -7.88 -15.62 -18.24
CA TRP A 501 -9.19 -15.13 -17.82
C TRP A 501 -9.13 -13.72 -17.23
N VAL A 502 -8.02 -13.03 -17.40
CA VAL A 502 -7.93 -11.61 -17.05
C VAL A 502 -8.36 -10.80 -18.26
N GLN A 503 -9.38 -9.98 -18.09
CA GLN A 503 -9.86 -9.19 -19.21
C GLN A 503 -8.89 -8.06 -19.50
N PRO A 504 -8.50 -7.85 -20.76
CA PRO A 504 -7.55 -6.78 -21.07
C PRO A 504 -8.13 -5.41 -20.73
N LEU A 505 -7.30 -4.58 -20.10
CA LEU A 505 -7.72 -3.22 -19.80
C LEU A 505 -7.93 -2.45 -21.10
N LEU A 506 -9.13 -1.88 -21.23
CA LEU A 506 -9.52 -1.19 -22.46
C LEU A 506 -8.80 0.15 -22.50
N MET A 507 -7.55 0.13 -22.95
CA MET A 507 -6.75 1.34 -23.07
C MET A 507 -7.22 2.22 -24.23
N ASP A 508 -7.81 1.62 -25.26
CA ASP A 508 -8.31 2.40 -26.39
C ASP A 508 -9.43 3.35 -26.00
N LEU A 509 -10.05 3.14 -24.84
CA LEU A 509 -11.07 4.03 -24.32
C LEU A 509 -10.53 5.05 -23.34
N SER A 510 -9.22 5.07 -23.11
CA SER A 510 -8.62 6.09 -22.25
C SER A 510 -8.90 7.51 -22.72
N PRO A 511 -8.86 7.85 -24.01
CA PRO A 511 -9.19 9.23 -24.41
C PRO A 511 -10.59 9.67 -24.01
N TRP A 512 -11.50 8.73 -23.80
CA TRP A 512 -12.86 9.07 -23.36
C TRP A 512 -12.89 9.76 -22.00
N ARG A 513 -11.86 9.56 -21.17
CA ARG A 513 -11.90 9.99 -19.78
C ARG A 513 -12.24 11.48 -19.64
N ALA A 514 -11.60 12.33 -20.45
CA ALA A 514 -11.90 13.75 -20.39
C ALA A 514 -13.39 14.00 -20.56
N LYS A 515 -13.98 13.44 -21.62
CA LYS A 515 -15.42 13.57 -21.82
C LYS A 515 -16.18 13.06 -20.61
N LEU A 516 -15.75 11.92 -20.06
CA LEU A 516 -16.38 11.40 -18.85
C LEU A 516 -16.43 12.47 -17.77
N GLN A 517 -15.30 13.12 -17.52
CA GLN A 517 -15.27 14.16 -16.49
C GLN A 517 -16.29 15.25 -16.81
N GLU A 518 -16.38 15.65 -18.08
CA GLU A 518 -17.36 16.65 -18.46
C GLU A 518 -18.76 16.23 -18.04
N ILE A 519 -19.11 14.97 -18.31
CA ILE A 519 -20.42 14.46 -17.90
C ILE A 519 -20.55 14.53 -16.39
N LYS A 520 -19.49 14.12 -15.68
CA LYS A 520 -19.52 14.18 -14.22
C LYS A 520 -19.68 15.61 -13.74
N SER A 521 -19.19 16.57 -14.51
CA SER A 521 -19.35 17.97 -14.12
C SER A 521 -20.74 18.49 -14.47
N SER A 522 -21.38 17.90 -15.49
CA SER A 522 -22.68 18.40 -15.92
C SER A 522 -23.81 18.00 -15.00
N LEU A 523 -23.58 17.02 -14.12
CA LEU A 523 -24.64 16.54 -13.25
C LEU A 523 -24.87 17.48 -12.07
N ASP A 524 -25.99 17.27 -11.39
CA ASP A 524 -26.36 18.07 -10.23
C ASP A 524 -25.80 17.43 -8.96
N ASN A 525 -26.18 18.00 -7.81
CA ASN A 525 -25.75 17.45 -6.53
C ASN A 525 -26.56 16.24 -6.10
N HIS A 526 -27.67 15.95 -6.77
CA HIS A 526 -28.48 14.77 -6.46
C HIS A 526 -28.39 13.68 -7.52
N THR A 527 -27.55 13.83 -8.53
CA THR A 527 -27.43 12.87 -9.62
C THR A 527 -26.05 12.24 -9.62
N GLU A 528 -26.00 10.95 -9.91
CA GLU A 528 -24.77 10.17 -9.98
C GLU A 528 -24.69 9.46 -11.31
N VAL A 529 -23.47 9.22 -11.76
CA VAL A 529 -23.21 8.56 -13.05
C VAL A 529 -22.17 7.47 -12.84
N VAL A 530 -22.38 6.34 -13.50
CA VAL A 530 -21.44 5.23 -13.51
C VAL A 530 -21.11 4.94 -14.97
N PHE A 531 -19.83 5.00 -15.31
CA PHE A 531 -19.37 4.80 -16.69
C PHE A 531 -18.87 3.38 -16.83
N ILE A 532 -19.50 2.60 -17.71
CA ILE A 532 -19.24 1.18 -17.83
C ILE A 532 -18.85 0.84 -19.27
N ALA A 533 -17.75 0.13 -19.41
CA ALA A 533 -17.32 -0.43 -20.69
C ALA A 533 -17.43 -1.95 -20.59
N ASP A 534 -18.14 -2.55 -21.53
CA ASP A 534 -18.40 -3.98 -21.52
C ASP A 534 -17.88 -4.61 -22.81
N PHE A 535 -17.40 -5.84 -22.68
CA PHE A 535 -16.80 -6.60 -23.77
C PHE A 535 -17.87 -7.28 -24.60
N PRO A 536 -17.60 -7.52 -25.89
CA PRO A 536 -18.57 -8.22 -26.73
C PRO A 536 -18.86 -9.62 -26.21
N GLY A 537 -20.12 -10.02 -26.34
CA GLY A 537 -20.56 -11.31 -25.84
C GLY A 537 -20.81 -11.36 -24.35
N LEU A 538 -20.47 -10.27 -23.67
CA LEU A 538 -20.68 -10.18 -22.20
C LEU A 538 -21.87 -9.26 -21.90
N HIS A 539 -22.65 -9.60 -20.87
CA HIS A 539 -23.79 -8.79 -20.47
C HIS A 539 -23.65 -8.43 -19.00
N LEU A 540 -24.18 -7.26 -18.66
CA LEU A 540 -24.23 -6.78 -17.28
C LEU A 540 -25.65 -6.94 -16.78
N GLU A 541 -25.86 -7.83 -15.82
CA GLU A 541 -27.16 -7.98 -15.16
C GLU A 541 -27.15 -7.05 -13.96
N ASN A 542 -28.03 -6.05 -13.97
CA ASN A 542 -28.08 -5.04 -12.93
C ASN A 542 -29.49 -4.98 -12.36
N PHE A 543 -29.58 -5.02 -11.04
CA PHE A 543 -30.84 -4.79 -10.34
C PHE A 543 -30.83 -3.35 -9.84
N VAL A 544 -31.71 -2.53 -10.41
CA VAL A 544 -31.82 -1.15 -9.94
C VAL A 544 -32.73 -1.13 -8.72
N SER A 545 -32.18 -0.72 -7.59
CA SER A 545 -32.95 -0.73 -6.34
C SER A 545 -34.13 0.23 -6.44
N GLU A 546 -35.19 -0.08 -5.70
CA GLU A 546 -36.40 0.74 -5.75
C GLU A 546 -36.12 2.17 -5.34
N ASP A 547 -35.07 2.38 -4.53
CA ASP A 547 -34.68 3.74 -4.16
C ASP A 547 -34.23 4.54 -5.37
N LEU A 548 -33.49 3.90 -6.28
CA LEU A 548 -32.94 4.58 -7.46
C LEU A 548 -34.04 4.77 -8.50
N GLY A 549 -34.96 5.67 -8.19
CA GLY A 549 -35.89 6.15 -9.18
C GLY A 549 -35.22 7.09 -10.15
N ASN A 550 -35.85 7.25 -11.31
CA ASN A 550 -35.31 8.08 -12.39
C ASN A 550 -33.87 7.67 -12.71
N THR A 551 -33.71 6.40 -13.10
CA THR A 551 -32.40 5.86 -13.55
C THR A 551 -32.46 5.72 -15.07
N SER A 552 -31.37 5.98 -15.79
CA SER A 552 -31.32 5.85 -17.23
C SER A 552 -29.93 5.39 -17.67
N ILE A 553 -29.90 4.71 -18.80
CA ILE A 553 -28.66 4.25 -19.41
C ILE A 553 -28.52 4.92 -20.77
N GLN A 554 -27.41 5.64 -20.97
CA GLN A 554 -27.12 6.27 -22.24
C GLN A 554 -25.93 5.57 -22.87
N LEU A 555 -26.11 5.17 -24.14
CA LEU A 555 -25.01 4.48 -24.87
C LEU A 555 -24.02 5.52 -25.40
N LEU A 556 -22.76 5.42 -24.99
CA LEU A 556 -21.71 6.34 -25.43
C LEU A 556 -21.00 5.86 -26.68
N GLN A 557 -20.83 4.55 -26.84
CA GLN A 557 -20.08 4.00 -27.96
C GLN A 557 -20.45 2.54 -28.15
N GLY A 558 -20.54 2.12 -29.41
CA GLY A 558 -20.90 0.75 -29.71
C GLY A 558 -22.41 0.58 -29.81
N GLU A 559 -22.87 -0.62 -29.43
CA GLU A 559 -24.29 -0.89 -29.36
C GLU A 559 -24.55 -1.87 -28.22
N VAL A 560 -25.62 -1.62 -27.48
CA VAL A 560 -26.02 -2.48 -26.37
C VAL A 560 -27.51 -2.77 -26.50
N THR A 561 -27.88 -4.01 -26.23
CA THR A 561 -29.28 -4.40 -26.15
C THR A 561 -29.65 -4.45 -24.67
N VAL A 562 -30.53 -3.55 -24.25
CA VAL A 562 -31.00 -3.54 -22.87
C VAL A 562 -32.25 -4.39 -22.79
N GLU A 563 -32.25 -5.36 -21.88
CA GLU A 563 -33.35 -6.30 -21.72
C GLU A 563 -34.01 -6.05 -20.38
N LEU A 564 -35.29 -5.66 -20.40
CA LEU A 564 -36.04 -5.50 -19.13
C LEU A 564 -36.38 -6.90 -18.63
N VAL A 565 -35.47 -7.54 -17.89
CA VAL A 565 -35.69 -8.95 -17.46
C VAL A 565 -37.14 -9.11 -16.97
N ALA A 566 -37.63 -8.19 -16.15
CA ALA A 566 -39.00 -8.29 -15.61
C ALA A 566 -40.03 -8.25 -16.75
N GLU A 567 -39.84 -7.36 -17.73
CA GLU A 567 -40.81 -7.21 -18.84
C GLU A 567 -40.37 -8.06 -20.04
N GLN A 568 -39.21 -8.71 -19.94
CA GLN A 568 -38.66 -9.52 -21.07
C GLN A 568 -38.75 -8.68 -22.35
N LYS A 569 -38.27 -7.43 -22.30
CA LYS A 569 -38.35 -6.53 -23.48
C LYS A 569 -36.93 -6.15 -23.92
N ASN A 570 -36.60 -6.36 -25.21
CA ASN A 570 -35.28 -6.03 -25.70
C ASN A 570 -35.33 -4.72 -26.48
N GLN A 571 -34.43 -3.80 -26.17
CA GLN A 571 -34.31 -2.53 -26.89
C GLN A 571 -32.86 -2.32 -27.26
N THR A 572 -32.59 -2.18 -28.55
CA THR A 572 -31.23 -1.91 -29.01
C THR A 572 -30.97 -0.41 -28.98
N LEU A 573 -29.83 -0.01 -28.42
CA LEU A 573 -29.45 1.38 -28.30
C LEU A 573 -28.41 1.73 -29.35
N ARG A 574 -28.49 2.96 -29.86
CA ARG A 574 -27.48 3.52 -30.73
C ARG A 574 -26.63 4.50 -29.93
N GLU A 575 -25.44 4.81 -30.44
CA GLU A 575 -24.55 5.75 -29.77
C GLU A 575 -25.25 7.08 -29.52
N GLY A 576 -25.39 7.44 -28.25
CA GLY A 576 -26.11 8.64 -27.86
C GLY A 576 -27.56 8.44 -27.52
N GLU A 577 -28.06 7.20 -27.49
CA GLU A 577 -29.43 6.91 -27.13
C GLU A 577 -29.54 6.77 -25.62
N LYS A 578 -30.58 7.37 -25.04
CA LYS A 578 -30.85 7.27 -23.62
C LYS A 578 -32.12 6.48 -23.40
N MET A 579 -32.06 5.47 -22.53
CA MET A 579 -33.18 4.61 -22.22
C MET A 579 -33.47 4.69 -20.73
N GLN A 580 -34.72 4.96 -20.39
CA GLN A 580 -35.12 4.96 -18.98
C GLN A 580 -35.23 3.54 -18.48
N LEU A 581 -34.81 3.32 -17.23
CA LEU A 581 -34.79 1.97 -16.68
C LEU A 581 -35.75 1.85 -15.50
N PRO A 582 -36.42 0.71 -15.36
CA PRO A 582 -37.36 0.54 -14.23
C PRO A 582 -36.60 0.32 -12.93
N ALA A 583 -37.05 0.99 -11.88
CA ALA A 583 -36.48 0.79 -10.55
C ALA A 583 -37.17 -0.38 -9.86
N GLY A 584 -36.37 -1.15 -9.12
CA GLY A 584 -36.90 -2.33 -8.46
C GLY A 584 -37.05 -3.52 -9.37
N GLU A 585 -36.46 -3.48 -10.56
CA GLU A 585 -36.54 -4.58 -11.51
C GLU A 585 -35.16 -4.83 -12.09
N TYR A 586 -34.94 -6.05 -12.56
CA TYR A 586 -33.69 -6.40 -13.21
C TYR A 586 -33.65 -5.84 -14.62
N HIS A 587 -32.43 -5.67 -15.14
CA HIS A 587 -32.23 -5.41 -16.54
C HIS A 587 -30.84 -5.89 -16.93
N LYS A 588 -30.73 -6.42 -18.14
CA LYS A 588 -29.48 -6.98 -18.63
C LYS A 588 -29.02 -6.20 -19.85
N VAL A 589 -27.85 -5.58 -19.75
CA VAL A 589 -27.28 -4.82 -20.85
C VAL A 589 -26.29 -5.73 -21.57
N TYR A 590 -26.67 -6.22 -22.74
CA TYR A 590 -25.80 -7.07 -23.56
C TYR A 590 -24.99 -6.18 -24.49
N THR A 591 -23.70 -6.41 -24.56
CA THR A 591 -22.87 -5.71 -25.54
C THR A 591 -22.90 -6.51 -26.85
N THR A 592 -23.67 -6.01 -27.82
CA THR A 592 -23.83 -6.69 -29.10
C THR A 592 -22.90 -6.16 -30.17
N SER A 593 -22.09 -5.16 -29.86
CA SER A 593 -21.13 -4.66 -30.83
C SER A 593 -19.94 -5.60 -30.95
N PRO A 594 -19.31 -5.66 -32.13
CA PRO A 594 -18.08 -6.45 -32.26
C PRO A 594 -16.92 -5.92 -31.43
N SER A 595 -16.97 -4.65 -31.01
CA SER A 595 -15.97 -4.01 -30.19
C SER A 595 -16.57 -3.65 -28.84
N PRO A 596 -15.75 -3.54 -27.78
CA PRO A 596 -16.29 -3.18 -26.46
C PRO A 596 -17.11 -1.90 -26.48
N SER A 597 -18.29 -1.95 -25.88
CA SER A 597 -19.21 -0.82 -25.85
C SER A 597 -19.05 -0.03 -24.56
N CYS A 598 -19.41 1.25 -24.64
CA CYS A 598 -19.35 2.16 -23.51
C CYS A 598 -20.72 2.78 -23.30
N TYR A 599 -21.20 2.76 -22.06
CA TYR A 599 -22.45 3.41 -21.70
C TYR A 599 -22.31 4.01 -20.31
N MET A 600 -23.33 4.74 -19.90
CA MET A 600 -23.36 5.35 -18.58
C MET A 600 -24.72 5.14 -17.94
N TYR A 601 -24.71 4.99 -16.63
CA TYR A 601 -25.90 4.89 -15.79
C TYR A 601 -26.04 6.25 -15.09
N VAL A 602 -27.16 6.92 -15.33
CA VAL A 602 -27.44 8.19 -14.67
C VAL A 602 -28.61 7.96 -13.72
N TYR A 603 -28.31 7.86 -12.42
CA TYR A 603 -29.31 7.55 -11.42
C TYR A 603 -29.36 8.66 -10.37
N VAL A 604 -30.51 8.79 -9.69
CA VAL A 604 -30.69 9.95 -8.79
C VAL A 604 -30.81 9.54 -7.31
N ASN A 605 -31.28 8.33 -7.01
CA ASN A 605 -31.50 7.95 -5.62
C ASN A 605 -32.64 8.81 -5.08
N THR A 606 -33.79 8.72 -5.73
CA THR A 606 -34.90 9.63 -5.47
C THR A 606 -35.48 9.45 -4.07
N THR A 607 -35.26 8.30 -3.45
CA THR A 607 -35.66 8.14 -2.06
C THR A 607 -34.90 9.12 -1.18
N GLU A 608 -33.59 9.27 -1.43
CA GLU A 608 -32.81 10.26 -0.69
C GLU A 608 -33.24 11.67 -1.06
N LEU A 609 -33.64 11.90 -2.30
CA LEU A 609 -34.09 13.23 -2.69
C LEU A 609 -35.37 13.62 -1.95
N ALA A 610 -36.33 12.70 -1.89
CA ALA A 610 -37.54 12.94 -1.12
C ALA A 610 -37.25 13.09 0.36
N LEU A 611 -36.27 12.32 0.86
CA LEU A 611 -35.85 12.47 2.24
C LEU A 611 -35.28 13.86 2.48
N GLU A 612 -34.51 14.39 1.53
CA GLU A 612 -33.97 15.74 1.64
C GLU A 612 -35.09 16.77 1.63
N GLN A 613 -36.10 16.60 0.78
CA GLN A 613 -37.22 17.52 0.78
C GLN A 613 -37.97 17.50 2.11
N ASP A 614 -38.22 16.31 2.66
CA ASP A 614 -38.88 16.21 3.95
C ASP A 614 -38.02 16.80 5.06
N LEU A 615 -36.70 16.61 4.96
CA LEU A 615 -35.79 17.19 5.94
C LEU A 615 -35.79 18.71 5.87
N ALA A 616 -35.88 19.25 4.65
CA ALA A 616 -36.00 20.70 4.50
C ALA A 616 -37.31 21.21 5.09
N TYR A 617 -38.39 20.45 4.91
CA TYR A 617 -39.66 20.83 5.53
C TYR A 617 -39.53 20.84 7.05
N LEU A 618 -38.90 19.81 7.62
CA LEU A 618 -38.68 19.77 9.06
C LEU A 618 -37.79 20.92 9.52
N GLN A 619 -36.77 21.25 8.74
CA GLN A 619 -35.88 22.35 9.08
C GLN A 619 -36.64 23.68 9.08
N GLU A 620 -37.53 23.88 8.11
CA GLU A 620 -38.34 25.08 8.09
C GLU A 620 -39.30 25.13 9.27
N LEU A 621 -39.86 23.98 9.64
CA LEU A 621 -40.72 23.91 10.82
C LEU A 621 -39.94 24.30 12.08
N LYS A 622 -38.71 23.80 12.21
CA LYS A 622 -37.88 24.16 13.36
C LYS A 622 -37.51 25.64 13.33
N GLU A 623 -37.24 26.18 12.15
CA GLU A 623 -36.91 27.60 12.01
C GLU A 623 -38.09 28.47 12.43
N LYS A 624 -39.30 28.06 12.07
CA LYS A 624 -40.49 28.78 12.52
C LYS A 624 -40.63 28.71 14.04
N VAL A 625 -40.19 27.62 14.64
CA VAL A 625 -40.21 27.46 16.09
C VAL A 625 -39.17 28.37 16.73
N THR A 653 -41.71 10.96 12.90
CA THR A 653 -41.23 9.65 13.34
C THR A 653 -39.88 9.32 12.74
N PRO A 654 -39.86 8.41 11.75
CA PRO A 654 -38.59 8.09 11.09
C PRO A 654 -37.95 9.29 10.42
N LEU A 655 -38.75 10.20 9.85
CA LEU A 655 -38.20 11.43 9.29
C LEU A 655 -37.58 12.29 10.38
N VAL A 656 -38.25 12.39 11.54
CA VAL A 656 -37.69 13.15 12.65
C VAL A 656 -36.41 12.51 13.15
N GLN A 657 -36.37 11.17 13.18
CA GLN A 657 -35.15 10.48 13.58
C GLN A 657 -34.01 10.76 12.61
N THR A 658 -34.30 10.76 11.30
CA THR A 658 -33.28 11.08 10.32
C THR A 658 -32.79 12.51 10.48
N PHE A 659 -33.71 13.45 10.75
CA PHE A 659 -33.32 14.83 10.96
C PHE A 659 -32.43 14.96 12.20
N LEU A 660 -32.78 14.26 13.27
CA LEU A 660 -31.97 14.29 14.48
C LEU A 660 -30.58 13.71 14.22
N ARG A 661 -30.52 12.61 13.47
CA ARG A 661 -29.23 12.01 13.13
C ARG A 661 -28.38 12.96 12.29
N ARG A 662 -29.00 13.64 11.32
CA ARG A 662 -28.27 14.60 10.51
C ARG A 662 -27.76 15.77 11.35
N GLN A 663 -28.60 16.27 12.28
CA GLN A 663 -28.17 17.35 13.16
C GLN A 663 -27.02 16.91 14.04
N GLN A 664 -27.08 15.69 14.57
CA GLN A 664 -25.99 15.18 15.39
C GLN A 664 -24.71 15.04 14.58
N ARG A 665 -24.82 14.57 13.34
CA ARG A 665 -23.65 14.45 12.47
C ARG A 665 -23.03 15.82 12.20
N LEU A 666 -23.89 16.82 11.92
CA LEU A 666 -23.39 18.17 11.68
C LEU A 666 -22.70 18.73 12.92
N GLN A 667 -23.30 18.51 14.10
CA GLN A 667 -22.70 18.99 15.33
C GLN A 667 -21.35 18.33 15.59
N GLU A 668 -21.26 17.02 15.34
CA GLU A 668 -20.00 16.31 15.52
C GLU A 668 -18.95 16.81 14.54
N ILE A 669 -19.34 17.06 13.29
CA ILE A 669 -18.41 17.57 12.29
C ILE A 669 -17.90 18.94 12.70
N GLU A 670 -18.79 19.80 13.18
CA GLU A 670 -18.38 21.12 13.65
C GLU A 670 -17.44 21.00 14.85
N ARG A 671 -17.75 20.11 15.78
CA ARG A 671 -16.92 19.95 16.97
C ARG A 671 -15.53 19.43 16.62
N ARG A 672 -15.44 18.55 15.62
CA ARG A 672 -14.14 18.01 15.21
C ARG A 672 -13.23 19.13 14.71
N ARG A 673 -13.77 20.06 13.93
CA ARG A 673 -12.97 21.19 13.48
C ARG A 673 -12.71 22.17 14.62
N ASN A 674 -13.62 22.25 15.59
CA ASN A 674 -13.47 23.21 16.68
C ASN A 674 -12.36 22.80 17.63
N THR A 675 -11.92 21.55 17.57
CA THR A 675 -10.88 21.07 18.46
C THR A 675 -9.56 21.78 18.18
N PRO A 676 -8.95 22.42 19.18
CA PRO A 676 -7.67 23.10 18.95
C PRO A 676 -6.57 22.11 18.59
N PHE A 677 -5.57 22.63 17.86
CA PHE A 677 -4.52 21.76 17.34
C PHE A 677 -3.80 21.01 18.44
N HIS A 678 -3.76 21.56 19.65
CA HIS A 678 -3.15 20.85 20.76
C HIS A 678 -4.05 19.72 21.26
N GLU A 679 -5.36 19.86 21.05
CA GLU A 679 -6.28 18.79 21.47
C GLU A 679 -6.26 17.64 20.48
N ARG A 680 -6.19 17.94 19.18
CA ARG A 680 -6.07 16.89 18.18
C ARG A 680 -4.75 16.14 18.32
N PHE A 681 -3.67 16.88 18.61
CA PHE A 681 -2.38 16.24 18.82
C PHE A 681 -2.41 15.35 20.05
N PHE A 682 -3.04 15.81 21.13
CA PHE A 682 -3.11 15.01 22.35
C PHE A 682 -3.98 13.78 22.16
N ARG A 683 -5.06 13.91 21.36
CA ARG A 683 -5.84 12.74 20.98
C ARG A 683 -5.00 11.77 20.16
N PHE A 684 -4.18 12.29 19.25
CA PHE A 684 -3.30 11.43 18.45
C PHE A 684 -2.30 10.70 19.34
N LEU A 685 -1.72 11.41 20.29
CA LEU A 685 -0.78 10.78 21.22
C LEU A 685 -1.47 9.71 22.06
N LEU A 686 -2.69 9.97 22.51
CA LEU A 686 -3.42 8.98 23.28
C LEU A 686 -3.76 7.76 22.44
N ARG A 687 -4.12 7.97 21.17
CA ARG A 687 -4.40 6.84 20.29
C ARG A 687 -3.15 5.99 20.06
N LYS A 688 -2.02 6.64 19.83
CA LYS A 688 -0.78 5.90 19.64
C LYS A 688 -0.37 5.17 20.91
N LEU A 689 -0.54 5.82 22.06
CA LEU A 689 -0.24 5.18 23.34
C LEU A 689 -1.12 3.96 23.56
N TYR A 690 -2.41 4.06 23.23
CA TYR A 690 -3.30 2.92 23.34
C TYR A 690 -2.86 1.79 22.41
N VAL A 691 -2.48 2.12 21.18
CA VAL A 691 -2.06 1.10 20.24
C VAL A 691 -0.82 0.37 20.76
N PHE A 692 0.17 1.12 21.22
CA PHE A 692 1.39 0.50 21.73
C PHE A 692 1.13 -0.30 22.99
N ARG A 693 0.29 0.21 23.90
CA ARG A 693 0.00 -0.51 25.13
C ARG A 693 -0.74 -1.81 24.83
N ARG A 694 -1.71 -1.76 23.92
CA ARG A 694 -2.44 -2.97 23.56
C ARG A 694 -1.51 -3.98 22.90
N SER A 695 -0.62 -3.52 22.02
CA SER A 695 0.37 -4.42 21.42
C SER A 695 1.19 -5.10 22.50
N PHE A 696 1.72 -4.31 23.43
CA PHE A 696 2.56 -4.86 24.50
C PHE A 696 1.79 -5.85 25.37
N LEU A 697 0.55 -5.51 25.71
CA LEU A 697 -0.19 -6.32 26.67
C LEU A 697 -0.68 -7.62 26.05
N MET A 698 -1.18 -7.56 24.81
CA MET A 698 -1.53 -8.80 24.12
C MET A 698 -0.29 -9.66 23.86
N THR A 699 0.84 -9.01 23.57
CA THR A 699 2.09 -9.75 23.41
C THR A 699 2.46 -10.47 24.70
N CYS A 700 2.33 -9.78 25.84
CA CYS A 700 2.62 -10.40 27.12
C CYS A 700 1.66 -11.54 27.41
N ILE A 701 0.37 -11.36 27.09
CA ILE A 701 -0.61 -12.42 27.29
C ILE A 701 -0.22 -13.66 26.50
N SER A 702 0.13 -13.48 25.23
CA SER A 702 0.45 -14.64 24.41
C SER A 702 1.80 -15.27 24.80
N LEU A 703 2.76 -14.44 25.20
CA LEU A 703 4.03 -14.98 25.66
C LEU A 703 3.86 -15.80 26.93
N ARG A 704 3.03 -15.32 27.86
CA ARG A 704 2.72 -16.10 29.05
C ARG A 704 1.98 -17.37 28.68
N ASN A 705 1.05 -17.30 27.72
CA ASN A 705 0.37 -18.50 27.25
C ASN A 705 1.35 -19.52 26.69
N LEU A 706 2.41 -19.06 26.04
CA LEU A 706 3.42 -19.96 25.49
C LEU A 706 4.34 -20.55 26.55
N ILE A 707 4.83 -19.72 27.47
CA ILE A 707 5.84 -20.24 28.45
C ILE A 707 5.14 -20.89 29.64
N LEU A 708 4.26 -20.16 30.32
CA LEU A 708 3.61 -20.66 31.52
C LEU A 708 2.31 -21.40 31.25
N GLY A 709 1.87 -21.47 29.99
CA GLY A 709 0.63 -22.13 29.66
C GLY A 709 -0.57 -21.18 29.69
N ARG A 710 -1.62 -21.59 28.99
CA ARG A 710 -2.84 -20.79 28.95
C ARG A 710 -3.58 -20.89 30.27
N PRO A 711 -3.92 -19.77 30.91
CA PRO A 711 -4.69 -19.82 32.16
C PRO A 711 -6.15 -20.16 31.91
N SER A 712 -6.97 -20.09 32.96
CA SER A 712 -8.40 -20.35 32.81
C SER A 712 -9.02 -19.33 31.86
N LEU A 713 -10.10 -19.76 31.20
CA LEU A 713 -10.75 -18.90 30.21
C LEU A 713 -11.20 -17.58 30.82
N GLU A 714 -11.67 -17.60 32.07
CA GLU A 714 -12.06 -16.38 32.74
C GLU A 714 -10.86 -15.45 32.92
N GLN A 715 -9.71 -16.00 33.32
CA GLN A 715 -8.52 -15.17 33.51
C GLN A 715 -8.00 -14.64 32.18
N LEU A 716 -8.10 -15.46 31.12
CA LEU A 716 -7.74 -14.98 29.79
C LEU A 716 -8.65 -13.82 29.37
N ALA A 717 -9.95 -13.92 29.66
CA ALA A 717 -10.86 -12.84 29.36
C ALA A 717 -10.51 -11.58 30.14
N GLN A 718 -10.17 -11.72 31.42
CA GLN A 718 -9.79 -10.55 32.21
C GLN A 718 -8.54 -9.90 31.64
N GLU A 719 -7.52 -10.70 31.29
CA GLU A 719 -6.30 -10.13 30.74
C GLU A 719 -6.56 -9.47 29.39
N VAL A 720 -7.41 -10.07 28.56
CA VAL A 720 -7.71 -9.48 27.26
C VAL A 720 -8.46 -8.17 27.42
N THR A 721 -9.41 -8.12 28.36
CA THR A 721 -10.15 -6.88 28.57
C THR A 721 -9.29 -5.82 29.25
N TYR A 722 -8.24 -6.24 29.96
CA TYR A 722 -7.28 -5.27 30.48
C TYR A 722 -6.41 -4.71 29.35
N ALA A 723 -6.01 -5.56 28.41
CA ALA A 723 -5.19 -5.11 27.30
C ALA A 723 -5.92 -4.08 26.45
N ASN A 724 -7.21 -4.31 26.17
CA ASN A 724 -7.99 -3.41 25.34
C ASN A 724 -8.49 -2.19 26.09
N LEU A 725 -8.27 -2.12 27.39
CA LEU A 725 -8.68 -0.95 28.16
C LEU A 725 -7.90 0.28 27.72
N ARG A 726 -8.61 1.38 27.50
CA ARG A 726 -7.95 2.61 27.08
C ARG A 726 -7.12 3.17 28.24
N PRO A 727 -5.91 3.68 27.96
CA PRO A 727 -5.07 4.20 29.05
C PRO A 727 -5.70 5.36 29.81
N PHE A 728 -6.44 6.21 29.11
CA PHE A 728 -7.08 7.36 29.76
C PHE A 728 -8.54 7.48 29.36
N THR B 29 -24.45 -13.70 6.71
CA THR B 29 -23.87 -12.66 5.85
C THR B 29 -22.88 -13.26 4.86
N VAL B 30 -22.74 -14.59 4.90
CA VAL B 30 -21.88 -15.26 3.95
C VAL B 30 -22.49 -15.24 2.55
N PHE B 31 -23.80 -15.40 2.45
CA PHE B 31 -24.50 -15.47 1.18
C PHE B 31 -25.29 -14.21 0.92
N LEU B 32 -25.52 -13.95 -0.37
CA LEU B 32 -26.33 -12.83 -0.83
C LEU B 32 -27.46 -13.36 -1.70
N ASP B 33 -28.57 -12.63 -1.72
CA ASP B 33 -29.66 -12.99 -2.59
C ASP B 33 -29.38 -12.48 -4.01
N HIS B 34 -30.26 -12.87 -4.93
CA HIS B 34 -30.09 -12.49 -6.34
C HIS B 34 -30.15 -10.97 -6.50
N GLU B 35 -31.06 -10.31 -5.78
CA GLU B 35 -31.25 -8.88 -5.94
C GLU B 35 -30.04 -8.10 -5.45
N ASN B 36 -29.59 -8.38 -4.22
CA ASN B 36 -28.52 -7.57 -3.63
C ASN B 36 -27.18 -7.82 -4.30
N ALA B 37 -26.96 -9.03 -4.82
CA ALA B 37 -25.69 -9.34 -5.47
C ALA B 37 -25.58 -8.67 -6.83
N ASN B 38 -26.71 -8.36 -7.46
CA ASN B 38 -26.75 -7.79 -8.80
C ASN B 38 -27.09 -6.30 -8.76
N LYS B 39 -26.72 -5.63 -7.68
CA LYS B 39 -26.99 -4.21 -7.49
C LYS B 39 -25.73 -3.44 -7.82
N ILE B 40 -25.47 -3.24 -9.12
CA ILE B 40 -24.22 -2.55 -9.56
C ILE B 40 -24.31 -1.07 -9.16
N LEU B 41 -25.46 -0.44 -9.35
CA LEU B 41 -25.60 0.98 -9.08
C LEU B 41 -25.61 1.31 -7.59
N ASN B 42 -25.59 0.29 -6.73
CA ASN B 42 -25.51 0.54 -5.30
C ASN B 42 -24.27 1.34 -4.96
N ARG B 43 -24.43 2.35 -4.10
CA ARG B 43 -23.31 3.19 -3.74
C ARG B 43 -22.26 2.38 -2.99
N PRO B 44 -20.98 2.48 -3.36
CA PRO B 44 -19.94 1.78 -2.60
C PRO B 44 -19.86 2.28 -1.18
N LYS B 45 -19.26 1.46 -0.31
CA LYS B 45 -19.19 1.79 1.11
C LYS B 45 -18.49 3.13 1.34
N ARG B 46 -17.50 3.45 0.52
CA ARG B 46 -16.79 4.72 0.64
C ARG B 46 -16.22 5.09 -0.71
N TYR B 47 -15.82 6.36 -0.84
CA TYR B 47 -15.19 6.86 -2.05
C TYR B 47 -13.94 6.04 -2.37
N ASN B 48 -13.98 5.28 -3.46
CA ASN B 48 -12.93 4.31 -3.78
C ASN B 48 -11.81 5.02 -4.54
N SER B 49 -10.67 5.22 -3.87
CA SER B 49 -9.46 5.72 -4.50
C SER B 49 -8.26 4.93 -3.99
N GLY B 50 -8.41 3.62 -3.91
CA GLY B 50 -7.38 2.75 -3.36
C GLY B 50 -6.05 2.83 -4.10
N LYS B 51 -4.96 3.03 -3.35
CA LYS B 51 -3.61 3.18 -3.98
C LYS B 51 -2.74 1.96 -3.70
N LEU B 52 -3.18 1.06 -2.83
CA LEU B 52 -2.46 -0.18 -2.53
C LEU B 52 -1.15 0.10 -1.79
N GLU B 53 -0.83 1.37 -1.56
CA GLU B 53 0.36 1.77 -0.82
C GLU B 53 0.03 2.29 0.57
N GLU B 54 -1.04 3.07 0.70
CA GLU B 54 -1.44 3.56 2.01
C GLU B 54 -1.93 2.40 2.86
N PHE B 55 -1.42 2.30 4.08
CA PHE B 55 -1.80 1.21 4.97
C PHE B 55 -3.27 1.35 5.37
N VAL B 56 -4.01 0.25 5.25
CA VAL B 56 -5.41 0.24 5.66
C VAL B 56 -5.46 0.06 7.17
N GLN B 57 -5.88 1.11 7.88
CA GLN B 57 -5.95 1.06 9.33
C GLN B 57 -6.93 -0.01 9.78
N GLY B 58 -6.45 -0.93 10.61
CA GLY B 58 -7.28 -2.02 11.08
C GLY B 58 -7.78 -2.92 9.97
N ASN B 59 -6.87 -3.32 9.08
CA ASN B 59 -7.26 -4.18 7.96
C ASN B 59 -7.77 -5.53 8.45
N LEU B 60 -7.27 -6.00 9.59
CA LEU B 60 -7.65 -7.29 10.14
C LEU B 60 -9.16 -7.42 10.34
#